data_3ZHX
#
_entry.id   3ZHX
#
_cell.length_a   69.710
_cell.length_b   66.990
_cell.length_c   84.610
_cell.angle_alpha   90.00
_cell.angle_beta   107.90
_cell.angle_gamma   90.00
#
_symmetry.space_group_name_H-M   'P 1 21 1'
#
loop_
_entity.id
_entity.type
_entity.pdbx_description
1 polymer '1-DEOXY-D-XYLULOSE 5-PHOSPHATE REDUCTOISOMERASE'
2 non-polymer 'MANGANESE (II) ION'
3 non-polymer '[(1S)-1-(3,4-dichlorophenyl)-3-[oxidanyl(phenylcarbonyl)amino]propyl]phosphonic acid'
4 water water
#
_entity_poly.entity_id   1
_entity_poly.type   'polypeptide(L)'
_entity_poly.pdbx_seq_one_letter_code
;MAHHHHHHVTNSTDGRADGRLRVVVLGSTGSIGTQALQVIADNPDRFEVVGLAAGGAHLDTLLRQRAQTGVTNIAVADEH
AAQRVGDIPYHGSDAATRLVEQTEADVVLNALVGALGLRPTLAALKTGARLALANKESLVAGGSLVLRAARPGQIVPVDS
EHSALAQCLRGGTPDEVAKLVLTASGGPFRGWSAADLEHVTPEQAGAHPTWSMGPMNTLNSASLVNKGLEVIETHLLFGI
PYDRIDVVVHPQSIIHSMVTFIDGSTIAQASPPDMKLPISLALGWPRRVSGAAAACDFHTASSWEFEPLDTDVFPAVELA
RQAGVAGGCMTAVYNAANEEAAAAFLAGRIGFPAIVGIIADVLHAADQWAVEPATVDDVLDAQRWARERAQRAVSGM
;
_entity_poly.pdbx_strand_id   A,B
#
# COMPACT_ATOMS: atom_id res chain seq x y z
N GLY A 19 2.66 24.70 -16.19
CA GLY A 19 2.81 23.22 -16.26
C GLY A 19 4.24 22.74 -16.07
N ARG A 20 5.16 23.37 -16.78
CA ARG A 20 6.58 23.03 -16.71
C ARG A 20 7.21 23.52 -15.41
N LEU A 21 7.67 22.58 -14.59
CA LEU A 21 8.42 22.94 -13.39
C LEU A 21 9.89 23.14 -13.74
N ARG A 22 10.43 24.28 -13.34
CA ARG A 22 11.85 24.57 -13.53
C ARG A 22 12.64 23.90 -12.41
N VAL A 23 13.67 23.16 -12.76
CA VAL A 23 14.41 22.36 -11.77
C VAL A 23 15.90 22.71 -11.72
N VAL A 24 16.39 22.96 -10.52
CA VAL A 24 17.82 23.08 -10.29
C VAL A 24 18.32 21.74 -9.76
N VAL A 25 19.32 21.16 -10.44
CA VAL A 25 19.91 19.88 -10.04
C VAL A 25 21.29 20.08 -9.40
N LEU A 26 21.38 19.92 -8.09
CA LEU A 26 22.67 19.98 -7.40
C LEU A 26 23.27 18.58 -7.26
N GLY A 27 24.54 18.45 -7.62
CA GLY A 27 25.24 17.18 -7.63
C GLY A 27 24.76 16.40 -8.84
N SER A 28 24.78 17.07 -10.00
CA SER A 28 24.21 16.53 -11.24
C SER A 28 24.96 15.36 -11.85
N THR A 29 26.23 15.21 -11.49
CA THR A 29 27.09 14.16 -12.07
C THR A 29 27.08 12.84 -11.30
N GLY A 30 26.46 12.85 -10.12
CA GLY A 30 26.30 11.63 -9.35
C GLY A 30 25.16 10.78 -9.88
N SER A 31 24.95 9.64 -9.23
CA SER A 31 23.92 8.67 -9.61
C SER A 31 22.52 9.29 -9.66
N ILE A 32 22.11 9.95 -8.58
CA ILE A 32 20.78 10.57 -8.47
C ILE A 32 20.63 11.68 -9.50
N GLY A 33 21.64 12.52 -9.59
CA GLY A 33 21.66 13.62 -10.55
C GLY A 33 21.41 13.18 -11.98
N THR A 34 22.16 12.17 -12.42
CA THR A 34 22.06 11.67 -13.80
C THR A 34 20.70 11.02 -14.07
N GLN A 35 20.21 10.25 -13.10
CA GLN A 35 18.89 9.64 -13.23
C GLN A 35 17.79 10.71 -13.33
N ALA A 36 17.96 11.78 -12.55
CA ALA A 36 17.02 12.92 -12.58
C ALA A 36 17.03 13.65 -13.91
N LEU A 37 18.21 13.84 -14.49
CA LEU A 37 18.29 14.46 -15.82
C LEU A 37 17.55 13.64 -16.88
N GLN A 38 17.65 12.30 -16.79
CA GLN A 38 16.95 11.40 -17.71
C GLN A 38 15.45 11.45 -17.53
N VAL A 39 14.98 11.56 -16.28
CA VAL A 39 13.55 11.73 -16.02
C VAL A 39 13.08 13.04 -16.66
N ILE A 40 13.84 14.11 -16.46
CA ILE A 40 13.48 15.43 -16.99
C ILE A 40 13.47 15.40 -18.53
N ALA A 41 14.52 14.83 -19.11
CA ALA A 41 14.59 14.66 -20.57
C ALA A 41 13.43 13.86 -21.15
N ASP A 42 12.94 12.87 -20.39
CA ASP A 42 11.82 12.05 -20.85
C ASP A 42 10.46 12.72 -20.68
N ASN A 43 10.45 13.82 -19.93
CA ASN A 43 9.23 14.53 -19.58
C ASN A 43 9.37 16.04 -19.73
N PRO A 44 9.65 16.52 -20.96
CA PRO A 44 9.87 17.97 -21.12
C PRO A 44 8.58 18.78 -20.91
N ASP A 45 7.43 18.14 -21.05
CA ASP A 45 6.15 18.79 -20.76
C ASP A 45 5.96 19.06 -19.27
N ARG A 46 6.57 18.22 -18.44
CA ARG A 46 6.47 18.36 -16.98
C ARG A 46 7.60 19.20 -16.36
N PHE A 47 8.84 19.02 -16.83
CA PHE A 47 10.02 19.62 -16.20
C PHE A 47 11.02 20.27 -17.17
N GLU A 48 11.73 21.26 -16.67
CA GLU A 48 12.83 21.91 -17.38
C GLU A 48 14.00 22.08 -16.42
N VAL A 49 15.19 21.66 -16.86
CA VAL A 49 16.43 21.89 -16.12
C VAL A 49 16.85 23.34 -16.32
N VAL A 50 17.12 24.05 -15.22
CA VAL A 50 17.52 25.46 -15.32
C VAL A 50 18.82 25.77 -14.56
N GLY A 51 19.49 24.73 -14.08
CA GLY A 51 20.73 24.91 -13.32
C GLY A 51 21.37 23.60 -12.91
N LEU A 52 22.69 23.54 -13.01
CA LEU A 52 23.44 22.36 -12.57
C LEU A 52 24.59 22.74 -11.63
N ALA A 53 24.87 21.86 -10.67
CA ALA A 53 26.04 22.02 -9.82
C ALA A 53 26.74 20.68 -9.60
N ALA A 54 28.07 20.71 -9.63
CA ALA A 54 28.89 19.53 -9.37
C ALA A 54 30.21 19.93 -8.71
N GLY A 55 30.91 18.93 -8.16
CA GLY A 55 32.20 19.15 -7.50
C GLY A 55 33.32 19.50 -8.47
N GLY A 56 33.34 18.82 -9.61
CA GLY A 56 34.37 19.06 -10.62
C GLY A 56 35.25 17.84 -10.87
N ALA A 57 35.15 16.86 -9.98
CA ALA A 57 35.87 15.59 -10.14
C ALA A 57 35.47 14.89 -11.44
N HIS A 58 34.19 15.00 -11.81
CA HIS A 58 33.70 14.45 -13.06
C HIS A 58 33.30 15.56 -14.02
N LEU A 59 34.28 16.41 -14.36
CA LEU A 59 34.06 17.51 -15.29
C LEU A 59 33.57 17.05 -16.65
N ASP A 60 34.14 15.95 -17.13
CA ASP A 60 33.70 15.32 -18.37
C ASP A 60 32.17 15.21 -18.43
N THR A 61 31.59 14.70 -17.34
CA THR A 61 30.15 14.49 -17.23
C THR A 61 29.41 15.83 -17.24
N LEU A 62 29.91 16.78 -16.44
CA LEU A 62 29.30 18.10 -16.32
C LEU A 62 29.26 18.83 -17.66
N LEU A 63 30.38 18.82 -18.38
CA LEU A 63 30.48 19.44 -19.70
C LEU A 63 29.57 18.74 -20.71
N ARG A 64 29.49 17.42 -20.58
CA ARG A 64 28.60 16.60 -21.41
C ARG A 64 27.13 16.95 -21.12
N GLN A 65 26.81 17.14 -19.83
CA GLN A 65 25.48 17.57 -19.40
C GLN A 65 25.14 18.99 -19.85
N ARG A 66 26.13 19.90 -19.79
CA ARG A 66 25.96 21.24 -20.35
C ARG A 66 25.58 21.15 -21.83
N ALA A 67 26.32 20.33 -22.58
CA ALA A 67 26.07 20.10 -24.01
C ALA A 67 24.66 19.56 -24.32
N GLN A 68 24.25 18.53 -23.59
CA GLN A 68 22.97 17.86 -23.85
C GLN A 68 21.74 18.64 -23.37
N THR A 69 21.89 19.35 -22.26
CA THR A 69 20.77 20.13 -21.72
C THR A 69 20.73 21.54 -22.31
N GLY A 70 21.88 22.07 -22.70
CA GLY A 70 22.00 23.46 -23.15
C GLY A 70 22.18 24.44 -22.00
N VAL A 71 22.09 23.93 -20.78
CA VAL A 71 22.16 24.76 -19.57
C VAL A 71 23.58 25.28 -19.29
N THR A 72 23.72 26.60 -19.35
CA THR A 72 24.99 27.27 -19.12
C THR A 72 25.09 27.74 -17.66
N ASN A 73 23.93 27.82 -17.01
CA ASN A 73 23.84 28.20 -15.61
C ASN A 73 24.36 27.07 -14.70
N ILE A 74 25.67 27.07 -14.48
CA ILE A 74 26.36 25.95 -13.83
C ILE A 74 27.24 26.41 -12.68
N ALA A 75 27.36 25.57 -11.65
CA ALA A 75 28.23 25.81 -10.51
C ALA A 75 29.26 24.70 -10.33
N VAL A 76 30.51 25.08 -10.05
CA VAL A 76 31.60 24.12 -9.86
C VAL A 76 32.32 24.37 -8.53
N ALA A 77 32.38 23.35 -7.68
CA ALA A 77 33.00 23.46 -6.36
C ALA A 77 34.52 23.67 -6.42
N ASP A 78 35.19 22.92 -7.28
CA ASP A 78 36.66 23.00 -7.44
C ASP A 78 37.07 24.23 -8.24
N GLU A 79 37.90 25.07 -7.64
CA GLU A 79 38.38 26.29 -8.29
C GLU A 79 39.33 26.04 -9.45
N HIS A 80 40.14 25.00 -9.33
CA HIS A 80 41.10 24.63 -10.36
C HIS A 80 40.42 23.90 -11.53
N ALA A 81 39.31 23.24 -11.24
CA ALA A 81 38.49 22.58 -12.27
C ALA A 81 37.61 23.58 -13.02
N ALA A 82 37.18 24.63 -12.32
CA ALA A 82 36.44 25.72 -12.96
C ALA A 82 37.36 26.54 -13.85
N GLN A 83 38.62 26.65 -13.42
CA GLN A 83 39.70 27.29 -14.18
C GLN A 83 39.94 26.56 -15.50
N ARG A 84 39.68 25.26 -15.51
CA ARG A 84 39.86 24.39 -16.67
C ARG A 84 39.00 24.82 -17.87
N VAL A 85 37.80 25.31 -17.58
CA VAL A 85 36.89 25.81 -18.61
C VAL A 85 36.81 27.34 -18.58
N GLY A 86 36.88 27.91 -17.38
CA GLY A 86 36.84 29.37 -17.18
C GLY A 86 35.58 30.02 -17.69
N ASP A 87 34.57 29.20 -17.98
CA ASP A 87 33.34 29.62 -18.62
C ASP A 87 32.17 29.44 -17.64
N ILE A 88 32.48 28.96 -16.45
CA ILE A 88 31.48 28.61 -15.45
C ILE A 88 31.13 29.81 -14.56
N PRO A 89 29.85 30.25 -14.60
CA PRO A 89 29.40 31.43 -13.85
C PRO A 89 29.63 31.36 -12.33
N TYR A 90 29.66 30.15 -11.77
CA TYR A 90 29.85 29.98 -10.33
C TYR A 90 30.96 28.98 -10.03
N HIS A 91 31.93 29.42 -9.24
CA HIS A 91 33.06 28.58 -8.85
C HIS A 91 33.48 28.86 -7.41
N GLY A 92 34.01 27.85 -6.74
CA GLY A 92 34.44 27.98 -5.35
C GLY A 92 33.63 27.11 -4.40
N SER A 93 33.95 27.21 -3.11
CA SER A 93 33.36 26.35 -2.08
C SER A 93 31.87 26.60 -1.84
N ASP A 94 31.38 27.76 -2.25
CA ASP A 94 29.97 28.11 -2.08
C ASP A 94 29.27 28.42 -3.41
N ALA A 95 29.84 27.89 -4.50
CA ALA A 95 29.30 28.09 -5.86
C ALA A 95 27.88 27.56 -6.03
N ALA A 96 27.62 26.38 -5.46
CA ALA A 96 26.29 25.76 -5.51
C ALA A 96 25.25 26.62 -4.76
N THR A 97 25.61 27.09 -3.57
CA THR A 97 24.73 27.96 -2.77
C THR A 97 24.34 29.22 -3.54
N ARG A 98 25.33 29.86 -4.17
CA ARG A 98 25.11 31.09 -4.93
C ARG A 98 24.31 30.89 -6.21
N LEU A 99 24.41 29.70 -6.80
CA LEU A 99 23.56 29.31 -7.94
C LEU A 99 22.09 29.24 -7.52
N VAL A 100 21.84 28.62 -6.38
CA VAL A 100 20.49 28.50 -5.82
C VAL A 100 19.87 29.88 -5.52
N GLU A 101 20.63 30.75 -4.86
CA GLU A 101 20.18 32.10 -4.52
C GLU A 101 19.76 32.93 -5.74
N GLN A 102 20.43 32.71 -6.86
CA GLN A 102 20.24 33.54 -8.03
C GLN A 102 19.19 33.02 -9.02
N THR A 103 19.06 31.70 -9.12
CA THR A 103 18.28 31.09 -10.20
C THR A 103 16.80 30.92 -9.86
N GLU A 104 15.93 31.40 -10.75
CA GLU A 104 14.48 31.23 -10.66
C GLU A 104 14.04 29.77 -10.87
N ALA A 105 13.58 29.13 -9.80
CA ALA A 105 13.23 27.71 -9.86
C ALA A 105 11.95 27.40 -9.09
N ASP A 106 11.31 26.29 -9.45
CA ASP A 106 10.15 25.75 -8.73
C ASP A 106 10.58 24.62 -7.79
N VAL A 107 11.60 23.88 -8.22
CA VAL A 107 12.12 22.74 -7.47
C VAL A 107 13.64 22.77 -7.45
N VAL A 108 14.21 22.65 -6.26
CA VAL A 108 15.65 22.47 -6.14
C VAL A 108 15.94 21.03 -5.71
N LEU A 109 16.52 20.26 -6.62
CA LEU A 109 16.97 18.89 -6.28
C LEU A 109 18.39 18.93 -5.74
N ASN A 110 18.52 18.73 -4.44
CA ASN A 110 19.81 18.72 -3.78
C ASN A 110 20.31 17.29 -3.59
N ALA A 111 21.13 16.83 -4.53
CA ALA A 111 21.78 15.52 -4.43
C ALA A 111 23.27 15.65 -4.17
N LEU A 112 23.68 16.80 -3.62
CA LEU A 112 25.05 16.96 -3.15
C LEU A 112 25.35 15.98 -2.02
N VAL A 113 26.62 15.66 -1.85
CA VAL A 113 27.06 14.67 -0.87
C VAL A 113 27.71 15.35 0.33
N GLY A 114 27.38 14.86 1.52
CA GLY A 114 28.02 15.32 2.76
C GLY A 114 27.73 16.77 3.13
N ALA A 115 28.72 17.39 3.77
CA ALA A 115 28.63 18.77 4.26
C ALA A 115 28.37 19.81 3.14
N LEU A 116 28.73 19.45 1.92
CA LEU A 116 28.50 20.31 0.75
C LEU A 116 27.03 20.67 0.56
N GLY A 117 26.13 19.88 1.13
CA GLY A 117 24.69 20.03 0.91
C GLY A 117 23.91 20.94 1.84
N LEU A 118 24.49 21.28 2.99
CA LEU A 118 23.77 22.03 4.03
C LEU A 118 23.40 23.48 3.65
N ARG A 119 24.42 24.28 3.30
CA ARG A 119 24.16 25.66 2.88
C ARG A 119 23.22 25.73 1.67
N PRO A 120 23.47 24.91 0.62
CA PRO A 120 22.55 24.92 -0.52
C PRO A 120 21.12 24.59 -0.13
N THR A 121 20.93 23.65 0.79
CA THR A 121 19.61 23.34 1.36
C THR A 121 18.97 24.59 1.98
N LEU A 122 19.76 25.36 2.74
CA LEU A 122 19.26 26.56 3.40
C LEU A 122 18.89 27.66 2.40
N ALA A 123 19.78 27.88 1.41
CA ALA A 123 19.48 28.79 0.32
C ALA A 123 18.19 28.41 -0.42
N ALA A 124 18.04 27.13 -0.72
CA ALA A 124 16.89 26.62 -1.47
C ALA A 124 15.59 26.87 -0.72
N LEU A 125 15.58 26.52 0.57
CA LEU A 125 14.41 26.75 1.43
C LEU A 125 14.04 28.24 1.53
N LYS A 126 15.06 29.09 1.60
CA LYS A 126 14.86 30.54 1.67
C LYS A 126 14.12 31.09 0.43
N THR A 127 14.35 30.49 -0.74
CA THR A 127 13.68 30.90 -1.99
C THR A 127 12.18 30.59 -2.02
N GLY A 128 11.73 29.63 -1.22
CA GLY A 128 10.35 29.18 -1.26
C GLY A 128 10.09 28.02 -2.20
N ALA A 129 11.09 27.68 -3.03
CA ALA A 129 11.02 26.52 -3.94
C ALA A 129 10.92 25.22 -3.17
N ARG A 130 10.24 24.23 -3.77
CA ARG A 130 10.22 22.87 -3.22
C ARG A 130 11.64 22.35 -3.18
N LEU A 131 12.03 21.75 -2.05
CA LEU A 131 13.32 21.11 -1.97
C LEU A 131 13.14 19.60 -2.08
N ALA A 132 13.53 19.07 -3.24
CA ALA A 132 13.60 17.63 -3.45
C ALA A 132 14.94 17.18 -2.89
N LEU A 133 14.88 16.62 -1.69
CA LEU A 133 16.07 16.45 -0.86
C LEU A 133 16.65 15.03 -0.96
N ALA A 134 17.86 14.95 -1.50
CA ALA A 134 18.58 13.69 -1.60
C ALA A 134 19.89 13.74 -0.79
N ASN A 135 20.11 14.86 -0.09
CA ASN A 135 21.27 15.03 0.77
C ASN A 135 20.89 14.75 2.23
N LYS A 136 21.29 13.60 2.73
CA LYS A 136 20.92 13.17 4.08
C LYS A 136 21.42 14.12 5.16
N GLU A 137 22.63 14.64 4.96
CA GLU A 137 23.30 15.50 5.93
C GLU A 137 22.48 16.73 6.32
N SER A 138 21.82 17.34 5.34
CA SER A 138 20.96 18.51 5.57
C SER A 138 20.07 18.36 6.79
N LEU A 139 19.32 17.26 6.83
CA LEU A 139 18.32 17.08 7.85
C LEU A 139 18.92 16.44 9.08
N VAL A 140 19.77 15.44 8.87
CA VAL A 140 20.37 14.71 9.98
C VAL A 140 21.30 15.60 10.80
N ALA A 141 22.16 16.36 10.13
CA ALA A 141 23.06 17.28 10.83
C ALA A 141 22.41 18.63 11.11
N GLY A 142 21.71 19.18 10.12
CA GLY A 142 21.07 20.49 10.21
C GLY A 142 19.93 20.58 11.21
N GLY A 143 19.22 19.46 11.38
CA GLY A 143 18.16 19.36 12.39
C GLY A 143 17.15 20.49 12.34
N SER A 144 16.87 21.08 13.51
CA SER A 144 15.86 22.12 13.67
C SER A 144 16.19 23.39 12.90
N LEU A 145 17.49 23.64 12.69
CA LEU A 145 17.95 24.76 11.87
C LEU A 145 17.38 24.69 10.45
N VAL A 146 17.35 23.48 9.89
CA VAL A 146 16.75 23.27 8.57
C VAL A 146 15.23 23.29 8.69
N LEU A 147 14.70 22.70 9.76
CA LEU A 147 13.25 22.66 9.96
C LEU A 147 12.66 24.06 10.13
N ARG A 148 13.36 24.92 10.88
CA ARG A 148 12.91 26.30 11.07
C ARG A 148 12.91 27.09 9.76
N ALA A 149 13.76 26.69 8.81
CA ALA A 149 13.84 27.34 7.51
C ALA A 149 12.78 26.87 6.52
N ALA A 150 12.10 25.77 6.83
CA ALA A 150 11.13 25.17 5.91
C ALA A 150 9.69 25.45 6.32
N ARG A 151 8.81 25.53 5.33
CA ARG A 151 7.37 25.57 5.57
C ARG A 151 6.78 24.16 5.38
N PRO A 152 5.58 23.90 5.93
CA PRO A 152 4.95 22.59 5.76
C PRO A 152 4.94 22.11 4.29
N GLY A 153 5.43 20.89 4.06
CA GLY A 153 5.39 20.28 2.73
C GLY A 153 6.49 20.70 1.74
N GLN A 154 7.33 21.65 2.12
CA GLN A 154 8.35 22.19 1.21
C GLN A 154 9.50 21.21 0.97
N ILE A 155 9.84 20.43 1.98
CA ILE A 155 10.86 19.40 1.84
C ILE A 155 10.19 18.10 1.37
N VAL A 156 10.55 17.66 0.18
CA VAL A 156 10.00 16.42 -0.37
C VAL A 156 11.13 15.42 -0.57
N PRO A 157 11.07 14.28 0.14
CA PRO A 157 12.17 13.33 0.22
C PRO A 157 12.37 12.57 -1.10
N VAL A 158 13.64 12.32 -1.45
CA VAL A 158 13.96 11.57 -2.67
C VAL A 158 14.31 10.11 -2.34
N ASP A 159 14.72 9.84 -1.11
CA ASP A 159 15.11 8.49 -0.72
C ASP A 159 13.94 7.51 -0.92
N SER A 160 14.23 6.31 -1.41
CA SER A 160 13.19 5.33 -1.67
C SER A 160 12.26 5.09 -0.45
N GLU A 161 12.83 4.98 0.74
CA GLU A 161 12.05 4.68 1.95
C GLU A 161 11.07 5.79 2.28
N HIS A 162 11.54 7.04 2.23
CA HIS A 162 10.69 8.17 2.59
C HIS A 162 9.66 8.45 1.52
N SER A 163 10.01 8.17 0.26
CA SER A 163 9.04 8.26 -0.83
C SER A 163 7.89 7.26 -0.62
N ALA A 164 8.26 6.02 -0.31
CA ALA A 164 7.31 4.97 0.03
C ALA A 164 6.41 5.38 1.20
N LEU A 165 7.03 5.90 2.26
CA LEU A 165 6.24 6.33 3.44
C LEU A 165 5.22 7.40 3.07
N ALA A 166 5.64 8.41 2.31
CA ALA A 166 4.75 9.51 1.91
C ALA A 166 3.58 8.97 1.10
N GLN A 167 3.85 7.99 0.25
CA GLN A 167 2.81 7.33 -0.53
C GLN A 167 1.84 6.56 0.36
N CYS A 168 2.37 5.79 1.31
CA CYS A 168 1.56 4.95 2.19
C CYS A 168 0.72 5.76 3.18
N LEU A 169 1.22 6.94 3.55
CA LEU A 169 0.46 7.87 4.39
C LEU A 169 -0.85 8.37 3.75
N ARG A 170 -0.93 8.29 2.42
CA ARG A 170 -2.20 8.56 1.73
C ARG A 170 -3.29 7.56 2.18
N GLY A 171 -2.87 6.49 2.86
CA GLY A 171 -3.80 5.45 3.33
C GLY A 171 -4.73 5.85 4.48
N GLY A 172 -4.51 7.03 5.04
CA GLY A 172 -5.35 7.53 6.14
C GLY A 172 -5.00 8.95 6.53
N THR A 173 -5.57 9.41 7.64
CA THR A 173 -5.22 10.71 8.23
C THR A 173 -4.07 10.55 9.24
N PRO A 174 -3.42 11.67 9.62
CA PRO A 174 -2.31 11.62 10.57
C PRO A 174 -2.64 10.99 11.92
N ASP A 175 -3.84 11.20 12.43
CA ASP A 175 -4.25 10.58 13.71
C ASP A 175 -4.45 9.07 13.61
N GLU A 176 -4.42 8.52 12.39
CA GLU A 176 -4.65 7.07 12.18
C GLU A 176 -3.35 6.24 12.08
N VAL A 177 -2.20 6.92 12.13
CA VAL A 177 -0.90 6.28 11.99
C VAL A 177 -0.48 5.64 13.31
N ALA A 178 -0.29 4.32 13.31
CA ALA A 178 0.21 3.64 14.50
C ALA A 178 1.74 3.51 14.47
N LYS A 179 2.28 3.03 13.35
CA LYS A 179 3.72 2.82 13.20
C LYS A 179 4.16 3.14 11.77
N LEU A 180 5.34 3.72 11.63
CA LEU A 180 5.99 3.74 10.34
C LEU A 180 7.01 2.60 10.34
N VAL A 181 7.03 1.82 9.27
CA VAL A 181 7.94 0.70 9.19
C VAL A 181 8.86 0.84 7.98
N LEU A 182 10.14 1.13 8.24
CA LEU A 182 11.12 1.23 7.18
C LEU A 182 11.69 -0.15 6.90
N THR A 183 11.85 -0.48 5.64
CA THR A 183 12.51 -1.71 5.28
C THR A 183 14.02 -1.45 5.16
N ALA A 184 14.82 -2.44 5.55
CA ALA A 184 16.28 -2.35 5.42
C ALA A 184 16.74 -3.59 4.69
N SER A 185 17.68 -3.44 3.76
CA SER A 185 18.22 -4.59 3.04
C SER A 185 18.83 -5.61 4.00
N GLY A 186 19.44 -5.11 5.08
CA GLY A 186 20.22 -5.93 5.99
C GLY A 186 21.70 -5.96 5.64
N GLY A 187 22.05 -5.41 4.48
CA GLY A 187 23.44 -5.42 4.02
C GLY A 187 23.95 -6.83 3.71
N PRO A 188 25.26 -6.97 3.47
CA PRO A 188 25.79 -8.28 3.10
C PRO A 188 26.02 -9.17 4.31
N PHE A 189 25.92 -8.61 5.51
CA PHE A 189 26.22 -9.37 6.72
C PHE A 189 24.99 -9.79 7.54
N ARG A 190 23.83 -9.91 6.90
CA ARG A 190 22.69 -10.59 7.54
C ARG A 190 23.14 -11.94 8.12
N GLY A 191 22.78 -12.20 9.38
CA GLY A 191 23.11 -13.46 10.03
C GLY A 191 24.52 -13.56 10.60
N TRP A 192 25.31 -12.50 10.49
CA TRP A 192 26.68 -12.56 11.02
C TRP A 192 26.69 -12.21 12.50
N SER A 193 27.62 -12.83 13.23
CA SER A 193 27.91 -12.47 14.61
C SER A 193 28.91 -11.31 14.67
N ALA A 194 29.00 -10.70 15.85
CA ALA A 194 30.02 -9.68 16.13
C ALA A 194 31.42 -10.26 15.89
N ALA A 195 31.63 -11.49 16.39
CA ALA A 195 32.89 -12.22 16.16
C ALA A 195 33.19 -12.36 14.67
N ASP A 196 32.19 -12.78 13.88
CA ASP A 196 32.30 -12.85 12.41
C ASP A 196 32.77 -11.50 11.84
N LEU A 197 32.10 -10.42 12.26
CA LEU A 197 32.34 -9.08 11.68
C LEU A 197 33.76 -8.56 11.90
N GLU A 198 34.41 -9.03 12.97
CA GLU A 198 35.78 -8.60 13.28
C GLU A 198 36.73 -8.71 12.09
N HIS A 199 36.53 -9.74 11.26
CA HIS A 199 37.45 -10.05 10.17
C HIS A 199 37.07 -9.42 8.83
N VAL A 200 35.99 -8.65 8.81
CA VAL A 200 35.49 -8.03 7.58
C VAL A 200 36.44 -6.99 7.00
N THR A 201 36.73 -7.13 5.72
CA THR A 201 37.59 -6.19 5.00
C THR A 201 36.71 -5.14 4.32
N PRO A 202 37.27 -3.94 4.02
CA PRO A 202 36.54 -2.96 3.24
C PRO A 202 35.90 -3.54 1.97
N GLU A 203 36.60 -4.47 1.34
CA GLU A 203 36.13 -5.15 0.13
C GLU A 203 34.82 -5.91 0.35
N GLN A 204 34.73 -6.65 1.47
CA GLN A 204 33.54 -7.41 1.83
C GLN A 204 32.31 -6.54 2.11
N ALA A 205 32.55 -5.34 2.63
CA ALA A 205 31.47 -4.39 2.94
C ALA A 205 31.15 -3.47 1.75
N GLY A 206 31.58 -3.90 0.56
CA GLY A 206 31.33 -3.18 -0.70
C GLY A 206 32.03 -1.84 -0.84
N ALA A 207 33.04 -1.62 0.00
CA ALA A 207 33.80 -0.36 -0.02
C ALA A 207 35.30 -0.63 -0.21
N PRO A 215 32.64 5.09 -1.54
CA PRO A 215 31.57 4.13 -1.34
C PRO A 215 30.91 4.25 0.05
N MET A 216 30.54 5.47 0.43
CA MET A 216 30.05 5.78 1.78
C MET A 216 28.61 5.33 2.06
N ASN A 217 27.74 5.42 1.07
CA ASN A 217 26.39 4.85 1.19
C ASN A 217 26.40 3.31 1.33
N THR A 218 27.32 2.66 0.63
CA THR A 218 27.45 1.20 0.64
C THR A 218 27.92 0.66 2.00
N LEU A 219 28.99 1.26 2.52
CA LEU A 219 29.45 0.97 3.87
C LEU A 219 28.32 1.19 4.89
N ASN A 220 27.60 2.31 4.77
CA ASN A 220 26.53 2.65 5.71
C ASN A 220 25.38 1.66 5.61
N SER A 221 25.12 1.17 4.40
CA SER A 221 24.14 0.11 4.17
C SER A 221 24.55 -1.14 4.93
N ALA A 222 25.83 -1.50 4.82
CA ALA A 222 26.39 -2.70 5.46
C ALA A 222 26.38 -2.64 6.98
N SER A 223 26.62 -1.45 7.51
CA SER A 223 26.79 -1.27 8.95
C SER A 223 25.46 -0.98 9.64
N LEU A 224 24.43 -0.77 8.83
CA LEU A 224 23.07 -0.37 9.24
C LEU A 224 22.98 1.09 9.71
N VAL A 225 24.07 1.83 9.59
CA VAL A 225 24.04 3.25 9.92
C VAL A 225 23.13 3.99 8.96
N ASN A 226 23.08 3.55 7.69
CA ASN A 226 22.17 4.20 6.76
C ASN A 226 20.73 4.18 7.27
N LYS A 227 20.30 3.03 7.80
CA LYS A 227 18.95 2.94 8.33
C LYS A 227 18.78 3.85 9.53
N GLY A 228 19.79 3.89 10.39
CA GLY A 228 19.82 4.81 11.52
C GLY A 228 19.57 6.24 11.05
N LEU A 229 20.32 6.67 10.05
CA LEU A 229 20.14 7.99 9.46
C LEU A 229 18.72 8.18 8.92
N GLU A 230 18.21 7.15 8.25
CA GLU A 230 16.88 7.24 7.65
C GLU A 230 15.76 7.31 8.70
N VAL A 231 15.98 6.68 9.84
CA VAL A 231 15.04 6.75 10.96
C VAL A 231 14.96 8.18 11.51
N ILE A 232 16.13 8.82 11.61
CA ILE A 232 16.19 10.23 12.04
C ILE A 232 15.49 11.10 11.02
N GLU A 233 15.75 10.86 9.74
CA GLU A 233 15.14 11.62 8.67
C GLU A 233 13.62 11.44 8.72
N THR A 234 13.19 10.21 8.97
CA THR A 234 11.76 9.89 9.05
C THR A 234 11.07 10.67 10.17
N HIS A 235 11.73 10.76 11.32
CA HIS A 235 11.19 11.50 12.43
C HIS A 235 11.04 12.98 12.07
N LEU A 236 12.09 13.55 11.47
CA LEU A 236 12.10 14.98 11.19
C LEU A 236 11.18 15.36 10.04
N LEU A 237 10.95 14.44 9.11
CA LEU A 237 10.10 14.68 7.95
C LEU A 237 8.61 14.53 8.28
N PHE A 238 8.27 13.53 9.08
CA PHE A 238 6.86 13.14 9.30
C PHE A 238 6.36 13.36 10.73
N GLY A 239 7.26 13.75 11.63
CA GLY A 239 6.87 14.13 12.99
C GLY A 239 6.30 13.01 13.83
N ILE A 240 6.70 11.77 13.54
CA ILE A 240 6.30 10.59 14.30
C ILE A 240 7.40 10.31 15.33
N PRO A 241 7.04 10.02 16.60
CA PRO A 241 8.01 9.66 17.64
C PRO A 241 8.84 8.44 17.28
N TYR A 242 10.08 8.43 17.78
CA TYR A 242 11.03 7.34 17.53
C TYR A 242 10.54 5.96 17.99
N ASP A 243 9.75 5.91 19.05
CA ASP A 243 9.26 4.62 19.53
C ASP A 243 8.15 4.05 18.63
N ARG A 244 7.76 4.80 17.60
CA ARG A 244 6.78 4.33 16.61
C ARG A 244 7.39 4.28 15.19
N ILE A 245 8.71 4.35 15.11
CA ILE A 245 9.42 4.16 13.84
C ILE A 245 10.20 2.85 13.92
N ASP A 246 9.71 1.84 13.20
CA ASP A 246 10.31 0.52 13.23
C ASP A 246 11.17 0.28 12.00
N VAL A 247 12.01 -0.73 12.08
CA VAL A 247 12.82 -1.18 10.97
C VAL A 247 12.62 -2.69 10.87
N VAL A 248 12.39 -3.19 9.66
CA VAL A 248 12.32 -4.63 9.41
C VAL A 248 13.32 -4.94 8.28
N VAL A 249 13.96 -6.10 8.37
CA VAL A 249 14.89 -6.51 7.34
C VAL A 249 14.15 -7.25 6.22
N HIS A 250 14.37 -6.78 5.00
CA HIS A 250 13.71 -7.26 3.80
C HIS A 250 14.79 -7.31 2.72
N PRO A 251 15.40 -8.49 2.51
CA PRO A 251 16.57 -8.56 1.62
C PRO A 251 16.33 -8.24 0.15
N GLN A 252 15.09 -8.40 -0.33
CA GLN A 252 14.76 -8.14 -1.73
C GLN A 252 14.72 -6.66 -2.05
N SER A 253 14.49 -5.83 -1.02
CA SER A 253 14.33 -4.37 -1.18
C SER A 253 13.30 -4.02 -2.26
N ILE A 254 12.20 -4.75 -2.29
CA ILE A 254 11.08 -4.48 -3.21
C ILE A 254 10.00 -3.68 -2.48
N ILE A 255 9.61 -4.11 -1.29
CA ILE A 255 8.85 -3.25 -0.37
C ILE A 255 9.81 -2.19 0.19
N HIS A 256 9.54 -0.92 -0.11
CA HIS A 256 10.45 0.18 0.25
C HIS A 256 10.12 0.86 1.59
N SER A 257 8.95 0.54 2.12
CA SER A 257 8.55 0.92 3.49
C SER A 257 7.05 0.74 3.56
N MET A 258 6.51 0.85 4.77
CA MET A 258 5.10 0.57 5.06
C MET A 258 4.63 1.44 6.20
N VAL A 259 3.32 1.67 6.26
CA VAL A 259 2.67 2.33 7.40
C VAL A 259 1.61 1.40 7.94
N THR A 260 1.62 1.20 9.26
CA THR A 260 0.60 0.43 9.97
C THR A 260 -0.32 1.42 10.68
N PHE A 261 -1.61 1.37 10.33
CA PHE A 261 -2.60 2.30 10.85
C PHE A 261 -3.24 1.74 12.10
N ILE A 262 -3.95 2.60 12.84
CA ILE A 262 -4.50 2.25 14.15
C ILE A 262 -5.53 1.11 14.13
N ASP A 263 -6.13 0.85 12.96
CA ASP A 263 -7.12 -0.22 12.85
C ASP A 263 -6.52 -1.59 12.63
N GLY A 264 -5.20 -1.65 12.43
CA GLY A 264 -4.53 -2.92 12.14
C GLY A 264 -4.12 -3.12 10.69
N SER A 265 -4.56 -2.22 9.81
CA SER A 265 -4.20 -2.28 8.40
C SER A 265 -2.79 -1.73 8.15
N THR A 266 -2.03 -2.44 7.33
CA THR A 266 -0.76 -1.94 6.84
C THR A 266 -0.83 -1.66 5.36
N ILE A 267 -0.35 -0.48 4.96
CA ILE A 267 -0.20 -0.11 3.56
C ILE A 267 1.29 -0.08 3.23
N ALA A 268 1.68 -0.74 2.13
CA ALA A 268 3.08 -0.90 1.74
C ALA A 268 3.27 -0.41 0.33
N GLN A 269 4.43 0.17 0.04
CA GLN A 269 4.76 0.55 -1.33
C GLN A 269 5.81 -0.41 -1.86
N ALA A 270 5.62 -0.87 -3.10
CA ALA A 270 6.48 -1.90 -3.70
C ALA A 270 6.81 -1.60 -5.15
N SER A 271 8.06 -1.93 -5.54
CA SER A 271 8.55 -1.79 -6.91
C SER A 271 9.96 -2.37 -7.02
N PRO A 272 10.36 -2.85 -8.23
CA PRO A 272 11.77 -3.21 -8.39
C PRO A 272 12.61 -1.99 -7.99
N PRO A 273 13.74 -2.20 -7.28
CA PRO A 273 14.60 -1.07 -6.88
C PRO A 273 14.99 -0.23 -8.09
N ASP A 274 14.66 1.05 -8.06
CA ASP A 274 14.95 1.96 -9.18
C ASP A 274 14.66 3.36 -8.68
N MET A 275 15.72 4.14 -8.48
CA MET A 275 15.59 5.50 -7.94
C MET A 275 14.79 6.45 -8.82
N LYS A 276 14.60 6.14 -10.10
CA LYS A 276 13.81 7.00 -10.98
C LYS A 276 12.39 7.17 -10.49
N LEU A 277 11.88 6.17 -9.77
CA LEU A 277 10.53 6.27 -9.21
C LEU A 277 10.44 7.39 -8.14
N PRO A 278 11.17 7.25 -7.00
CA PRO A 278 11.09 8.32 -5.99
C PRO A 278 11.62 9.67 -6.46
N ILE A 279 12.59 9.68 -7.38
CA ILE A 279 13.02 10.95 -7.98
C ILE A 279 11.88 11.62 -8.75
N SER A 280 11.19 10.86 -9.61
CA SER A 280 10.10 11.44 -10.41
C SER A 280 8.99 11.98 -9.51
N LEU A 281 8.71 11.24 -8.44
CA LEU A 281 7.63 11.61 -7.55
C LEU A 281 7.98 12.84 -6.74
N ALA A 282 9.24 12.96 -6.32
CA ALA A 282 9.71 14.13 -5.59
C ALA A 282 9.65 15.40 -6.44
N LEU A 283 10.03 15.29 -7.70
CA LEU A 283 9.97 16.42 -8.63
C LEU A 283 8.53 16.83 -8.95
N GLY A 284 7.68 15.84 -9.21
CA GLY A 284 6.31 16.10 -9.67
C GLY A 284 5.23 16.10 -8.59
N TRP A 285 5.62 15.86 -7.34
CA TRP A 285 4.67 15.78 -6.22
C TRP A 285 3.65 16.93 -6.26
N PRO A 286 2.35 16.63 -6.04
CA PRO A 286 1.76 15.34 -5.68
C PRO A 286 1.44 14.41 -6.86
N ARG A 287 1.82 14.82 -8.08
CA ARG A 287 1.45 14.10 -9.29
C ARG A 287 2.48 13.06 -9.70
N ARG A 288 2.01 11.87 -10.06
CA ARG A 288 2.89 10.80 -10.53
C ARG A 288 3.33 11.01 -11.97
N VAL A 289 4.47 10.42 -12.34
CA VAL A 289 5.03 10.58 -13.68
C VAL A 289 4.96 9.26 -14.45
N SER A 290 4.19 9.27 -15.54
CA SER A 290 3.97 8.05 -16.32
C SER A 290 5.27 7.42 -16.80
N GLY A 291 5.38 6.11 -16.63
CA GLY A 291 6.54 5.34 -17.10
C GLY A 291 7.87 5.67 -16.45
N ALA A 292 7.84 6.23 -15.24
CA ALA A 292 9.07 6.55 -14.53
C ALA A 292 9.94 5.31 -14.31
N ALA A 293 9.32 4.20 -13.92
CA ALA A 293 10.03 2.97 -13.61
C ALA A 293 9.16 1.74 -13.89
N ALA A 294 9.80 0.57 -13.99
CA ALA A 294 9.09 -0.69 -14.17
C ALA A 294 8.32 -1.04 -12.91
N ALA A 295 7.13 -1.60 -13.08
CA ALA A 295 6.33 -2.10 -11.95
C ALA A 295 6.73 -3.52 -11.62
N CYS A 296 6.38 -4.00 -10.43
CA CYS A 296 6.53 -5.42 -10.12
C CYS A 296 5.74 -6.21 -11.16
N ASP A 297 6.33 -7.29 -11.68
CA ASP A 297 5.67 -8.16 -12.63
C ASP A 297 5.10 -9.39 -11.90
N PHE A 298 3.81 -9.34 -11.58
CA PHE A 298 3.18 -10.40 -10.79
C PHE A 298 2.74 -11.61 -11.62
N HIS A 299 3.28 -11.71 -12.83
CA HIS A 299 3.10 -12.89 -13.67
C HIS A 299 4.34 -13.79 -13.64
N THR A 300 5.35 -13.41 -12.84
CA THR A 300 6.49 -14.30 -12.58
C THR A 300 6.59 -14.53 -11.08
N ALA A 301 6.85 -15.77 -10.66
CA ALA A 301 6.84 -16.10 -9.24
C ALA A 301 7.89 -15.29 -8.50
N SER A 302 7.59 -14.88 -7.26
CA SER A 302 8.55 -14.11 -6.47
C SER A 302 8.26 -14.32 -4.98
N SER A 303 9.25 -14.00 -4.17
CA SER A 303 9.17 -14.21 -2.74
C SER A 303 9.65 -12.91 -2.06
N TRP A 304 8.85 -12.37 -1.15
CA TRP A 304 9.29 -11.20 -0.36
C TRP A 304 9.48 -11.66 1.08
N GLU A 305 10.73 -11.63 1.55
CA GLU A 305 11.06 -12.11 2.90
C GLU A 305 11.21 -10.93 3.86
N PHE A 306 10.71 -11.12 5.08
CA PHE A 306 10.88 -10.19 6.19
C PHE A 306 11.50 -10.95 7.36
N GLU A 307 12.35 -10.26 8.10
CA GLU A 307 12.99 -10.83 9.29
C GLU A 307 13.35 -9.68 10.25
N PRO A 308 13.34 -9.95 11.56
CA PRO A 308 13.72 -8.83 12.43
C PRO A 308 15.23 -8.52 12.27
N LEU A 309 15.61 -7.28 12.57
CA LEU A 309 17.01 -6.90 12.60
C LEU A 309 17.68 -7.50 13.85
N ASP A 310 18.90 -8.00 13.69
CA ASP A 310 19.64 -8.42 14.88
C ASP A 310 20.22 -7.17 15.52
N THR A 311 19.53 -6.68 16.55
CA THR A 311 19.92 -5.43 17.17
C THR A 311 21.11 -5.59 18.12
N ASP A 312 21.36 -6.81 18.58
CA ASP A 312 22.57 -7.07 19.36
C ASP A 312 23.80 -6.82 18.48
N VAL A 313 23.82 -7.43 17.30
CA VAL A 313 24.96 -7.32 16.39
C VAL A 313 24.99 -5.99 15.62
N PHE A 314 23.79 -5.44 15.35
CA PHE A 314 23.65 -4.17 14.63
C PHE A 314 22.82 -3.12 15.42
N PRO A 315 23.45 -2.44 16.41
CA PRO A 315 22.67 -1.46 17.19
C PRO A 315 22.63 -0.04 16.61
N ALA A 316 23.04 0.15 15.36
CA ALA A 316 23.13 1.50 14.79
C ALA A 316 21.78 2.24 14.77
N VAL A 317 20.69 1.49 14.63
CA VAL A 317 19.36 2.09 14.59
C VAL A 317 18.92 2.49 15.99
N GLU A 318 19.14 1.61 16.97
CA GLU A 318 18.91 1.91 18.38
C GLU A 318 19.62 3.19 18.76
N LEU A 319 20.90 3.26 18.38
CA LEU A 319 21.74 4.44 18.62
C LEU A 319 21.23 5.70 17.93
N ALA A 320 20.72 5.54 16.71
CA ALA A 320 20.15 6.68 15.99
C ALA A 320 18.93 7.21 16.72
N ARG A 321 18.07 6.32 17.18
CA ARG A 321 16.91 6.72 17.98
C ARG A 321 17.35 7.49 19.25
N GLN A 322 18.36 6.96 19.95
CA GLN A 322 18.91 7.61 21.16
C GLN A 322 19.35 9.03 20.88
N ALA A 323 20.11 9.19 19.80
CA ALA A 323 20.58 10.48 19.35
C ALA A 323 19.42 11.38 18.98
N GLY A 324 18.42 10.81 18.30
CA GLY A 324 17.25 11.57 17.89
C GLY A 324 16.43 12.06 19.07
N VAL A 325 16.26 11.19 20.06
CA VAL A 325 15.47 11.52 21.25
C VAL A 325 16.19 12.61 22.05
N ALA A 326 17.50 12.44 22.28
CA ALA A 326 18.32 13.52 22.86
C ALA A 326 18.16 14.83 22.08
N GLY A 327 18.12 14.75 20.75
CA GLY A 327 17.87 15.90 19.88
C GLY A 327 18.97 16.95 19.83
N GLY A 328 18.62 18.13 19.32
CA GLY A 328 19.57 19.24 19.21
C GLY A 328 20.65 18.96 18.18
N CYS A 329 21.89 18.90 18.63
CA CYS A 329 23.02 18.64 17.75
C CYS A 329 23.47 17.17 17.78
N MET A 330 22.75 16.33 18.52
CA MET A 330 23.14 14.95 18.75
C MET A 330 23.15 14.08 17.48
N THR A 331 22.22 14.35 16.56
CA THR A 331 22.17 13.60 15.31
C THR A 331 23.28 14.04 14.36
N ALA A 332 23.62 15.32 14.40
CA ALA A 332 24.87 15.78 13.76
C ALA A 332 26.09 15.05 14.30
N VAL A 333 26.10 14.83 15.62
CA VAL A 333 27.18 14.10 16.28
C VAL A 333 27.20 12.62 15.82
N TYR A 334 26.00 12.04 15.73
CA TYR A 334 25.84 10.66 15.29
C TYR A 334 26.47 10.44 13.90
N ASN A 335 26.13 11.32 12.97
CA ASN A 335 26.56 11.21 11.60
C ASN A 335 28.06 11.51 11.42
N ALA A 336 28.56 12.52 12.13
CA ALA A 336 29.97 12.88 12.03
C ALA A 336 30.88 11.83 12.65
N ALA A 337 30.48 11.24 13.78
CA ALA A 337 31.24 10.15 14.38
C ALA A 337 31.33 8.96 13.41
N ASN A 338 30.20 8.68 12.74
CA ASN A 338 30.16 7.63 11.73
C ASN A 338 31.19 7.83 10.64
N GLU A 339 31.20 9.02 10.05
CA GLU A 339 32.09 9.33 8.93
C GLU A 339 33.56 9.20 9.30
N GLU A 340 33.93 9.70 10.48
CA GLU A 340 35.27 9.51 11.02
C GLU A 340 35.64 8.06 11.24
N ALA A 341 34.76 7.33 11.93
CA ALA A 341 35.01 5.92 12.21
C ALA A 341 35.03 5.10 10.91
N ALA A 342 34.16 5.44 9.96
CA ALA A 342 34.09 4.80 8.65
C ALA A 342 35.41 4.98 7.89
N ALA A 343 35.94 6.22 7.95
CA ALA A 343 37.25 6.55 7.39
C ALA A 343 38.39 5.75 8.03
N ALA A 344 38.33 5.56 9.34
CA ALA A 344 39.32 4.75 10.05
C ALA A 344 39.31 3.29 9.60
N PHE A 345 38.11 2.73 9.46
CA PHE A 345 37.96 1.36 8.99
C PHE A 345 38.51 1.20 7.57
N LEU A 346 38.14 2.12 6.70
CA LEU A 346 38.64 2.13 5.33
C LEU A 346 40.17 2.25 5.25
N ALA A 347 40.74 3.02 6.17
CA ALA A 347 42.18 3.23 6.25
C ALA A 347 42.93 2.02 6.84
N GLY A 348 42.18 1.06 7.39
CA GLY A 348 42.75 -0.15 7.98
C GLY A 348 43.10 0.01 9.44
N ARG A 349 42.66 1.13 10.03
CA ARG A 349 43.02 1.47 11.40
C ARG A 349 42.14 0.82 12.46
N ILE A 350 40.90 0.47 12.08
CA ILE A 350 39.95 -0.21 12.98
C ILE A 350 39.18 -1.31 12.24
N GLY A 351 38.63 -2.26 12.98
CA GLY A 351 37.79 -3.31 12.42
C GLY A 351 36.37 -2.82 12.16
N PHE A 352 35.62 -3.59 11.37
CA PHE A 352 34.24 -3.22 11.01
C PHE A 352 33.30 -2.98 12.19
N PRO A 353 33.29 -3.85 13.22
CA PRO A 353 32.37 -3.60 14.35
C PRO A 353 32.70 -2.35 15.17
N ALA A 354 33.94 -1.86 15.06
CA ALA A 354 34.35 -0.64 15.76
C ALA A 354 33.69 0.61 15.20
N ILE A 355 33.19 0.56 13.97
CA ILE A 355 32.54 1.75 13.39
C ILE A 355 31.39 2.20 14.30
N VAL A 356 30.42 1.31 14.50
CA VAL A 356 29.26 1.59 15.32
C VAL A 356 29.66 1.59 16.81
N GLY A 357 30.67 0.80 17.16
CA GLY A 357 31.23 0.83 18.51
C GLY A 357 31.69 2.23 18.89
N ILE A 358 32.39 2.89 17.97
CA ILE A 358 32.89 4.25 18.19
C ILE A 358 31.77 5.27 18.18
N ILE A 359 30.82 5.16 17.24
CA ILE A 359 29.61 5.97 17.27
C ILE A 359 29.00 5.97 18.68
N ALA A 360 28.85 4.79 19.29
CA ALA A 360 28.26 4.67 20.62
C ALA A 360 29.13 5.41 21.66
N ASP A 361 30.41 5.10 21.67
CA ASP A 361 31.36 5.75 22.57
C ASP A 361 31.29 7.28 22.49
N VAL A 362 31.34 7.82 21.26
CA VAL A 362 31.21 9.25 21.01
C VAL A 362 29.86 9.84 21.48
N LEU A 363 28.76 9.17 21.16
CA LEU A 363 27.44 9.62 21.60
C LEU A 363 27.33 9.65 23.12
N HIS A 364 27.91 8.64 23.76
CA HIS A 364 27.82 8.50 25.20
C HIS A 364 28.64 9.58 25.93
N ALA A 365 29.59 10.17 25.23
CA ALA A 365 30.39 11.28 25.74
C ALA A 365 29.82 12.66 25.35
N ALA A 366 28.69 12.69 24.64
CA ALA A 366 28.18 13.91 24.01
C ALA A 366 27.03 14.62 24.75
N ASP A 367 26.92 14.40 26.06
CA ASP A 367 25.86 15.03 26.86
C ASP A 367 25.71 16.54 26.62
N GLN A 368 26.84 17.23 26.43
CA GLN A 368 26.89 18.66 26.21
C GLN A 368 26.26 19.12 24.88
N TRP A 369 25.93 18.17 24.00
CA TRP A 369 25.51 18.49 22.65
C TRP A 369 24.00 18.37 22.34
N ALA A 370 23.17 18.31 23.38
CA ALA A 370 21.71 18.29 23.22
C ALA A 370 21.10 19.69 23.03
N VAL A 371 21.97 20.68 22.79
CA VAL A 371 21.57 22.07 22.58
C VAL A 371 21.10 22.28 21.13
N GLU A 372 20.06 23.08 20.94
CA GLU A 372 19.56 23.41 19.60
C GLU A 372 20.53 24.31 18.85
N PRO A 373 20.85 23.97 17.59
CA PRO A 373 21.75 24.80 16.79
C PRO A 373 21.06 26.08 16.34
N ALA A 374 21.65 27.22 16.67
CA ALA A 374 21.11 28.52 16.26
C ALA A 374 21.59 28.89 14.85
N THR A 375 22.78 28.41 14.49
CA THR A 375 23.42 28.78 13.22
C THR A 375 24.10 27.57 12.58
N VAL A 376 24.60 27.74 11.36
CA VAL A 376 25.39 26.71 10.68
C VAL A 376 26.67 26.37 11.45
N ASP A 377 27.29 27.38 12.04
CA ASP A 377 28.53 27.21 12.81
C ASP A 377 28.34 26.31 14.04
N ASP A 378 27.15 26.36 14.62
CA ASP A 378 26.79 25.46 15.71
C ASP A 378 26.84 24.00 15.26
N VAL A 379 26.31 23.75 14.08
CA VAL A 379 26.33 22.40 13.51
C VAL A 379 27.76 21.99 13.22
N LEU A 380 28.52 22.87 12.57
CA LEU A 380 29.93 22.62 12.26
C LEU A 380 30.78 22.40 13.54
N ASP A 381 30.44 23.10 14.62
CA ASP A 381 31.13 22.92 15.90
C ASP A 381 30.84 21.53 16.45
N ALA A 382 29.58 21.10 16.36
CA ALA A 382 29.20 19.75 16.84
C ALA A 382 29.96 18.65 16.09
N GLN A 383 30.03 18.82 14.77
CA GLN A 383 30.68 17.87 13.88
C GLN A 383 32.19 17.80 14.10
N ARG A 384 32.83 18.96 14.21
CA ARG A 384 34.23 19.04 14.64
C ARG A 384 34.44 18.24 15.92
N TRP A 385 33.72 18.60 16.98
CA TRP A 385 33.82 17.88 18.26
C TRP A 385 33.71 16.37 18.05
N ALA A 386 32.70 15.96 17.29
CA ALA A 386 32.42 14.54 17.05
C ALA A 386 33.57 13.86 16.31
N ARG A 387 34.08 14.51 15.27
CA ARG A 387 35.23 13.99 14.54
C ARG A 387 36.45 13.82 15.42
N GLU A 388 36.73 14.82 16.25
CA GLU A 388 37.87 14.75 17.16
C GLU A 388 37.72 13.67 18.23
N ARG A 389 36.51 13.52 18.77
CA ARG A 389 36.27 12.51 19.80
C ARG A 389 36.36 11.09 19.21
N ALA A 390 35.91 10.94 17.97
CA ALA A 390 35.97 9.67 17.26
C ALA A 390 37.42 9.29 16.97
N GLN A 391 38.20 10.27 16.55
CA GLN A 391 39.63 10.07 16.33
C GLN A 391 40.37 9.65 17.61
N ARG A 392 40.00 10.26 18.74
CA ARG A 392 40.58 9.86 20.02
C ARG A 392 40.26 8.42 20.38
N ALA A 393 39.07 7.98 19.97
CA ALA A 393 38.65 6.60 20.21
C ALA A 393 39.41 5.65 19.29
N VAL A 394 39.67 6.08 18.05
CA VAL A 394 40.45 5.31 17.10
C VAL A 394 41.88 5.11 17.63
N SER A 395 42.51 6.21 18.03
CA SER A 395 43.85 6.21 18.66
C SER A 395 43.93 5.34 19.92
N GLY A 396 42.77 5.00 20.48
CA GLY A 396 42.70 3.99 21.54
C GLY A 396 42.89 2.61 20.96
N MET A 397 41.94 2.17 20.12
CA MET A 397 41.93 0.82 19.54
C MET A 397 43.15 0.48 18.69
N GLY B 19 -21.37 13.00 14.92
CA GLY B 19 -20.16 12.14 15.07
C GLY B 19 -20.48 10.66 15.09
N ARG B 20 -21.59 10.29 15.72
CA ARG B 20 -21.97 8.89 15.88
C ARG B 20 -22.85 8.41 14.71
N LEU B 21 -22.36 7.43 13.97
CA LEU B 21 -23.06 6.98 12.75
C LEU B 21 -24.17 5.98 13.05
N ARG B 22 -25.34 6.22 12.46
CA ARG B 22 -26.47 5.31 12.63
C ARG B 22 -26.36 4.18 11.61
N VAL B 23 -26.40 2.94 12.10
CA VAL B 23 -26.15 1.76 11.27
C VAL B 23 -27.35 0.81 11.19
N VAL B 24 -27.73 0.47 9.98
CA VAL B 24 -28.68 -0.61 9.76
C VAL B 24 -27.85 -1.83 9.37
N VAL B 25 -28.03 -2.92 10.13
CA VAL B 25 -27.35 -4.18 9.80
C VAL B 25 -28.31 -5.18 9.20
N LEU B 26 -28.17 -5.46 7.90
CA LEU B 26 -29.00 -6.44 7.20
C LEU B 26 -28.25 -7.75 7.12
N GLY B 27 -28.95 -8.87 7.40
CA GLY B 27 -28.29 -10.18 7.51
C GLY B 27 -27.49 -10.21 8.80
N SER B 28 -28.12 -9.80 9.90
CA SER B 28 -27.44 -9.59 11.17
C SER B 28 -26.96 -10.86 11.87
N THR B 29 -27.50 -12.02 11.49
CA THR B 29 -27.23 -13.26 12.23
C THR B 29 -26.09 -14.08 11.65
N GLY B 30 -25.65 -13.73 10.44
CA GLY B 30 -24.54 -14.43 9.79
C GLY B 30 -23.20 -13.95 10.33
N SER B 31 -22.12 -14.45 9.76
CA SER B 31 -20.77 -14.15 10.27
C SER B 31 -20.38 -12.67 10.13
N ILE B 32 -20.66 -12.08 8.97
CA ILE B 32 -20.40 -10.65 8.78
C ILE B 32 -21.24 -9.78 9.73
N GLY B 33 -22.54 -10.06 9.83
CA GLY B 33 -23.42 -9.26 10.70
C GLY B 33 -23.05 -9.36 12.17
N THR B 34 -22.75 -10.56 12.65
CA THR B 34 -22.37 -10.73 14.06
C THR B 34 -21.04 -10.03 14.36
N GLN B 35 -20.10 -10.06 13.42
CA GLN B 35 -18.81 -9.37 13.61
C GLN B 35 -18.99 -7.85 13.59
N ALA B 36 -19.86 -7.36 12.71
CA ALA B 36 -20.13 -5.92 12.66
C ALA B 36 -20.76 -5.45 13.97
N LEU B 37 -21.65 -6.26 14.56
CA LEU B 37 -22.28 -5.92 15.83
C LEU B 37 -21.26 -5.90 17.00
N GLN B 38 -20.26 -6.78 16.95
CA GLN B 38 -19.13 -6.74 17.90
C GLN B 38 -18.28 -5.47 17.74
N VAL B 39 -18.02 -5.08 16.49
CA VAL B 39 -17.28 -3.85 16.24
C VAL B 39 -18.03 -2.64 16.79
N ILE B 40 -19.35 -2.61 16.55
CA ILE B 40 -20.21 -1.53 17.05
C ILE B 40 -20.29 -1.51 18.58
N ALA B 41 -20.50 -2.68 19.21
CA ALA B 41 -20.50 -2.80 20.67
C ALA B 41 -19.18 -2.33 21.27
N ASP B 42 -18.06 -2.61 20.58
CA ASP B 42 -16.76 -2.11 21.02
C ASP B 42 -16.58 -0.60 20.82
N ASN B 43 -17.42 0.01 20.00
CA ASN B 43 -17.20 1.39 19.59
C ASN B 43 -18.47 2.26 19.66
N PRO B 44 -19.13 2.30 20.84
CA PRO B 44 -20.42 3.02 20.92
C PRO B 44 -20.28 4.53 20.71
N ASP B 45 -19.06 5.06 20.84
CA ASP B 45 -18.78 6.45 20.51
C ASP B 45 -18.87 6.72 19.00
N ARG B 46 -18.60 5.71 18.18
CA ARG B 46 -18.58 5.86 16.72
C ARG B 46 -19.88 5.42 16.02
N PHE B 47 -20.54 4.41 16.58
CA PHE B 47 -21.69 3.81 15.89
C PHE B 47 -22.85 3.57 16.84
N GLU B 48 -24.06 3.66 16.32
CA GLU B 48 -25.21 3.12 17.03
C GLU B 48 -26.04 2.27 16.07
N VAL B 49 -26.45 1.09 16.52
CA VAL B 49 -27.29 0.22 15.72
C VAL B 49 -28.68 0.83 15.75
N VAL B 50 -29.30 0.99 14.58
CA VAL B 50 -30.69 1.48 14.52
C VAL B 50 -31.64 0.56 13.74
N GLY B 51 -31.10 -0.56 13.25
CA GLY B 51 -31.91 -1.51 12.50
C GLY B 51 -31.21 -2.84 12.39
N LEU B 52 -32.00 -3.91 12.48
CA LEU B 52 -31.52 -5.27 12.29
C LEU B 52 -32.50 -5.99 11.35
N ALA B 53 -31.99 -6.86 10.49
CA ALA B 53 -32.85 -7.69 9.66
C ALA B 53 -32.21 -9.03 9.43
N ALA B 54 -33.03 -10.08 9.52
CA ALA B 54 -32.61 -11.42 9.11
C ALA B 54 -33.82 -12.19 8.63
N GLY B 55 -33.57 -13.21 7.79
CA GLY B 55 -34.62 -14.09 7.33
C GLY B 55 -35.26 -14.88 8.46
N GLY B 56 -36.48 -15.34 8.21
CA GLY B 56 -37.28 -15.98 9.25
C GLY B 56 -36.69 -17.23 9.87
N ALA B 57 -35.89 -17.98 9.10
CA ALA B 57 -35.19 -19.15 9.64
C ALA B 57 -34.25 -18.79 10.81
N HIS B 58 -33.86 -17.51 10.88
CA HIS B 58 -32.94 -17.06 11.93
C HIS B 58 -33.62 -16.25 13.01
N LEU B 59 -34.95 -16.40 13.13
CA LEU B 59 -35.72 -15.63 14.11
C LEU B 59 -35.17 -15.71 15.53
N ASP B 60 -34.87 -16.91 16.01
CA ASP B 60 -34.40 -17.03 17.39
C ASP B 60 -33.15 -16.20 17.67
N THR B 61 -32.22 -16.15 16.71
CA THR B 61 -30.98 -15.39 16.90
C THR B 61 -31.25 -13.90 16.81
N LEU B 62 -32.09 -13.53 15.85
CA LEU B 62 -32.51 -12.15 15.71
C LEU B 62 -33.17 -11.64 17.01
N LEU B 63 -33.97 -12.50 17.65
CA LEU B 63 -34.62 -12.14 18.90
C LEU B 63 -33.61 -11.93 20.03
N ARG B 64 -32.57 -12.78 20.06
CA ARG B 64 -31.45 -12.62 20.99
C ARG B 64 -30.71 -11.31 20.75
N GLN B 65 -30.53 -10.95 19.48
CA GLN B 65 -29.91 -9.66 19.14
C GLN B 65 -30.74 -8.45 19.57
N ARG B 66 -32.07 -8.51 19.40
CA ARG B 66 -32.93 -7.45 19.90
C ARG B 66 -32.76 -7.24 21.40
N ALA B 67 -32.78 -8.34 22.16
CA ALA B 67 -32.59 -8.28 23.60
C ALA B 67 -31.19 -7.75 23.97
N GLN B 68 -30.15 -8.18 23.26
CA GLN B 68 -28.77 -7.79 23.57
C GLN B 68 -28.46 -6.35 23.17
N THR B 69 -28.98 -5.91 22.02
CA THR B 69 -28.71 -4.55 21.57
C THR B 69 -29.72 -3.54 22.07
N GLY B 70 -30.88 -4.01 22.51
CA GLY B 70 -32.02 -3.13 22.85
C GLY B 70 -32.64 -2.49 21.60
N VAL B 71 -32.20 -2.89 20.40
CA VAL B 71 -32.77 -2.36 19.16
C VAL B 71 -34.11 -3.05 18.86
N THR B 72 -35.19 -2.27 18.82
CA THR B 72 -36.53 -2.82 18.53
C THR B 72 -36.95 -2.69 17.06
N ASN B 73 -36.28 -1.79 16.34
CA ASN B 73 -36.51 -1.64 14.91
C ASN B 73 -35.90 -2.83 14.16
N ILE B 74 -36.63 -3.95 14.14
CA ILE B 74 -36.13 -5.17 13.51
C ILE B 74 -37.09 -5.72 12.46
N ALA B 75 -36.54 -6.40 11.45
CA ALA B 75 -37.36 -6.98 10.39
C ALA B 75 -37.02 -8.42 10.19
N VAL B 76 -38.05 -9.24 10.00
CA VAL B 76 -37.88 -10.57 9.46
C VAL B 76 -37.97 -10.43 7.95
N ALA B 77 -36.86 -10.78 7.27
CA ALA B 77 -36.65 -10.37 5.87
C ALA B 77 -37.35 -11.21 4.80
N ASP B 78 -38.19 -12.15 5.22
CA ASP B 78 -38.97 -12.94 4.28
C ASP B 78 -40.30 -13.31 4.92
N GLU B 79 -41.05 -14.20 4.27
CA GLU B 79 -42.38 -14.62 4.72
C GLU B 79 -42.34 -15.70 5.79
N HIS B 80 -41.15 -16.22 6.10
CA HIS B 80 -41.05 -17.41 6.94
C HIS B 80 -41.19 -17.09 8.46
N ALA B 81 -41.23 -18.12 9.31
CA ALA B 81 -41.65 -17.96 10.71
C ALA B 81 -42.94 -17.13 10.87
N ALA B 82 -43.86 -17.28 9.93
CA ALA B 82 -45.03 -16.38 9.79
C ALA B 82 -45.97 -16.32 10.99
N GLN B 83 -45.99 -17.38 11.79
CA GLN B 83 -46.86 -17.42 12.97
C GLN B 83 -46.18 -16.91 14.24
N ARG B 84 -44.88 -16.64 14.14
CA ARG B 84 -44.10 -16.17 15.29
C ARG B 84 -43.60 -14.72 15.17
N VAL B 85 -44.24 -13.94 14.29
CA VAL B 85 -43.80 -12.55 14.07
C VAL B 85 -44.80 -11.48 14.57
N GLY B 86 -45.61 -11.84 15.57
CA GLY B 86 -46.63 -10.96 16.14
C GLY B 86 -46.13 -9.69 16.82
N ASP B 87 -44.85 -9.67 17.18
CA ASP B 87 -44.24 -8.47 17.75
C ASP B 87 -43.06 -7.96 16.90
N ILE B 88 -42.99 -8.37 15.64
CA ILE B 88 -41.92 -7.88 14.77
C ILE B 88 -42.43 -6.73 13.89
N PRO B 89 -41.77 -5.56 13.93
CA PRO B 89 -42.28 -4.38 13.21
C PRO B 89 -42.34 -4.52 11.69
N TYR B 90 -41.45 -5.32 11.09
CA TYR B 90 -41.53 -5.59 9.65
C TYR B 90 -41.35 -7.08 9.40
N HIS B 91 -42.22 -7.69 8.59
CA HIS B 91 -42.09 -9.11 8.27
C HIS B 91 -42.82 -9.39 6.96
N GLY B 92 -42.33 -10.39 6.23
CA GLY B 92 -42.89 -10.73 4.93
C GLY B 92 -41.89 -10.57 3.81
N SER B 93 -42.32 -10.93 2.61
CA SER B 93 -41.49 -10.80 1.42
C SER B 93 -41.02 -9.35 1.32
N ASP B 94 -39.71 -9.17 1.13
CA ASP B 94 -39.12 -7.86 0.89
C ASP B 94 -39.18 -6.91 2.09
N ALA B 95 -39.45 -7.43 3.29
CA ALA B 95 -39.58 -6.55 4.47
C ALA B 95 -38.27 -5.87 4.90
N ALA B 96 -37.12 -6.44 4.57
CA ALA B 96 -35.86 -5.73 4.82
C ALA B 96 -35.74 -4.43 4.01
N THR B 97 -36.24 -4.42 2.77
CA THR B 97 -36.31 -3.20 1.96
C THR B 97 -37.16 -2.10 2.63
N ARG B 98 -38.31 -2.50 3.17
CA ARG B 98 -39.18 -1.59 3.91
C ARG B 98 -38.49 -0.99 5.13
N LEU B 99 -37.79 -1.83 5.91
CA LEU B 99 -36.98 -1.30 7.01
C LEU B 99 -35.98 -0.25 6.49
N VAL B 100 -35.30 -0.55 5.39
CA VAL B 100 -34.30 0.36 4.86
C VAL B 100 -34.92 1.68 4.40
N GLU B 101 -36.07 1.56 3.72
CA GLU B 101 -36.80 2.73 3.21
C GLU B 101 -37.26 3.67 4.31
N GLN B 102 -37.56 3.11 5.47
CA GLN B 102 -38.24 3.83 6.53
C GLN B 102 -37.36 4.22 7.71
N THR B 103 -36.09 3.81 7.70
CA THR B 103 -35.21 4.02 8.85
C THR B 103 -34.13 5.02 8.47
N GLU B 104 -34.09 6.15 9.18
CA GLU B 104 -33.02 7.14 9.03
C GLU B 104 -31.69 6.55 9.45
N ALA B 105 -30.71 6.55 8.55
CA ALA B 105 -29.39 5.98 8.85
C ALA B 105 -28.29 6.66 8.06
N ASP B 106 -27.05 6.54 8.53
CA ASP B 106 -25.88 7.00 7.80
C ASP B 106 -25.24 5.87 7.00
N VAL B 107 -25.42 4.63 7.47
CA VAL B 107 -24.76 3.47 6.83
C VAL B 107 -25.68 2.27 6.87
N VAL B 108 -25.83 1.61 5.72
CA VAL B 108 -26.58 0.38 5.67
C VAL B 108 -25.56 -0.69 5.34
N LEU B 109 -25.37 -1.62 6.28
CA LEU B 109 -24.52 -2.78 6.03
C LEU B 109 -25.42 -3.89 5.51
N ASN B 110 -25.24 -4.21 4.23
CA ASN B 110 -26.03 -5.25 3.60
C ASN B 110 -25.24 -6.54 3.52
N ALA B 111 -25.44 -7.40 4.52
CA ALA B 111 -24.85 -8.74 4.55
C ALA B 111 -25.91 -9.84 4.39
N LEU B 112 -27.03 -9.51 3.77
CA LEU B 112 -27.99 -10.52 3.32
C LEU B 112 -27.32 -11.42 2.27
N VAL B 113 -27.74 -12.67 2.22
CA VAL B 113 -27.15 -13.65 1.30
C VAL B 113 -28.03 -13.81 0.06
N GLY B 114 -27.41 -13.80 -1.12
CA GLY B 114 -28.13 -14.13 -2.36
C GLY B 114 -29.16 -13.12 -2.83
N ALA B 115 -30.25 -13.64 -3.40
CA ALA B 115 -31.33 -12.85 -4.00
C ALA B 115 -31.97 -11.80 -3.04
N LEU B 116 -32.06 -12.17 -1.77
CA LEU B 116 -32.55 -11.28 -0.72
C LEU B 116 -31.88 -9.90 -0.70
N GLY B 117 -30.62 -9.84 -1.11
CA GLY B 117 -29.84 -8.63 -0.94
C GLY B 117 -30.08 -7.51 -1.95
N LEU B 118 -30.72 -7.84 -3.07
CA LEU B 118 -30.78 -6.88 -4.19
C LEU B 118 -31.68 -5.69 -3.97
N ARG B 119 -32.94 -5.93 -3.60
CA ARG B 119 -33.88 -4.81 -3.38
C ARG B 119 -33.48 -3.92 -2.19
N PRO B 120 -33.02 -4.53 -1.08
CA PRO B 120 -32.52 -3.66 0.01
C PRO B 120 -31.30 -2.82 -0.38
N THR B 121 -30.40 -3.36 -1.21
CA THR B 121 -29.31 -2.54 -1.78
C THR B 121 -29.84 -1.32 -2.54
N LEU B 122 -30.79 -1.55 -3.45
CA LEU B 122 -31.36 -0.47 -4.23
C LEU B 122 -32.06 0.56 -3.34
N ALA B 123 -32.80 0.08 -2.34
CA ALA B 123 -33.47 0.98 -1.40
C ALA B 123 -32.43 1.80 -0.63
N ALA B 124 -31.36 1.14 -0.17
CA ALA B 124 -30.33 1.85 0.63
C ALA B 124 -29.73 2.99 -0.17
N LEU B 125 -29.46 2.73 -1.44
CA LEU B 125 -28.83 3.73 -2.27
C LEU B 125 -29.75 4.94 -2.49
N LYS B 126 -31.04 4.65 -2.65
CA LYS B 126 -32.07 5.70 -2.81
C LYS B 126 -32.17 6.61 -1.57
N THR B 127 -31.88 6.08 -0.38
CA THR B 127 -31.96 6.90 0.84
C THR B 127 -30.80 7.89 0.91
N GLY B 128 -29.74 7.65 0.15
CA GLY B 128 -28.57 8.52 0.16
C GLY B 128 -27.54 8.11 1.20
N ALA B 129 -27.89 7.12 2.04
CA ALA B 129 -26.91 6.55 2.99
C ALA B 129 -25.74 5.87 2.31
N ARG B 130 -24.63 5.77 3.02
CA ARG B 130 -23.54 4.90 2.58
C ARG B 130 -24.03 3.47 2.63
N LEU B 131 -23.63 2.70 1.62
CA LEU B 131 -23.92 1.29 1.58
C LEU B 131 -22.64 0.51 1.78
N ALA B 132 -22.56 -0.16 2.92
CA ALA B 132 -21.45 -1.07 3.21
C ALA B 132 -21.91 -2.41 2.66
N LEU B 133 -21.39 -2.75 1.48
CA LEU B 133 -21.92 -3.85 0.69
C LEU B 133 -21.12 -5.15 0.90
N ALA B 134 -21.77 -6.15 1.47
CA ALA B 134 -21.19 -7.48 1.62
C ALA B 134 -21.85 -8.46 0.63
N ASN B 135 -23.10 -8.17 0.27
CA ASN B 135 -23.90 -9.02 -0.64
C ASN B 135 -23.35 -9.02 -2.09
N LYS B 136 -22.77 -10.14 -2.53
CA LYS B 136 -22.21 -10.25 -3.89
C LYS B 136 -23.25 -10.14 -4.99
N GLU B 137 -24.41 -10.73 -4.74
CA GLU B 137 -25.59 -10.67 -5.64
C GLU B 137 -25.84 -9.27 -6.20
N SER B 138 -25.76 -8.27 -5.32
CA SER B 138 -26.13 -6.91 -5.68
C SER B 138 -25.36 -6.43 -6.92
N LEU B 139 -24.04 -6.56 -6.89
CA LEU B 139 -23.24 -6.11 -8.04
C LEU B 139 -23.13 -7.16 -9.13
N VAL B 140 -22.90 -8.40 -8.75
CA VAL B 140 -22.71 -9.48 -9.72
C VAL B 140 -23.95 -9.67 -10.60
N ALA B 141 -25.13 -9.69 -9.98
CA ALA B 141 -26.38 -9.86 -10.73
C ALA B 141 -27.03 -8.52 -11.08
N GLY B 142 -27.14 -7.64 -10.10
CA GLY B 142 -27.75 -6.32 -10.28
C GLY B 142 -27.01 -5.39 -11.24
N GLY B 143 -25.67 -5.45 -11.23
CA GLY B 143 -24.87 -4.61 -12.14
C GLY B 143 -25.32 -3.17 -12.23
N SER B 144 -25.71 -2.75 -13.44
CA SER B 144 -26.04 -1.36 -13.70
C SER B 144 -27.33 -0.88 -13.05
N LEU B 145 -28.20 -1.80 -12.63
CA LEU B 145 -29.34 -1.44 -11.77
C LEU B 145 -28.82 -0.78 -10.51
N VAL B 146 -27.80 -1.40 -9.91
CA VAL B 146 -27.24 -0.89 -8.68
C VAL B 146 -26.41 0.38 -8.93
N LEU B 147 -25.59 0.37 -9.98
CA LEU B 147 -24.74 1.53 -10.30
C LEU B 147 -25.53 2.80 -10.60
N ARG B 148 -26.62 2.69 -11.36
CA ARG B 148 -27.39 3.85 -11.74
C ARG B 148 -28.11 4.48 -10.54
N ALA B 149 -28.24 3.73 -9.45
CA ALA B 149 -28.88 4.20 -8.22
C ALA B 149 -27.87 4.84 -7.26
N ALA B 150 -26.59 4.69 -7.54
CA ALA B 150 -25.53 5.12 -6.62
C ALA B 150 -24.86 6.42 -7.06
N ARG B 151 -24.47 7.23 -6.09
CA ARG B 151 -23.60 8.37 -6.38
C ARG B 151 -22.15 7.98 -6.14
N PRO B 152 -21.19 8.73 -6.73
CA PRO B 152 -19.79 8.36 -6.53
C PRO B 152 -19.42 8.28 -5.05
N GLY B 153 -18.73 7.20 -4.68
CA GLY B 153 -18.27 7.00 -3.31
C GLY B 153 -19.30 6.41 -2.34
N GLN B 154 -20.56 6.24 -2.78
CA GLN B 154 -21.63 5.80 -1.89
C GLN B 154 -21.51 4.33 -1.50
N ILE B 155 -21.01 3.50 -2.40
CA ILE B 155 -20.83 2.10 -2.09
C ILE B 155 -19.41 1.87 -1.57
N VAL B 156 -19.29 1.26 -0.39
CA VAL B 156 -17.99 0.89 0.16
C VAL B 156 -17.98 -0.63 0.40
N PRO B 157 -17.00 -1.37 -0.19
CA PRO B 157 -17.03 -2.84 -0.04
C PRO B 157 -16.59 -3.35 1.31
N VAL B 158 -17.14 -4.52 1.67
CA VAL B 158 -16.85 -5.18 2.94
C VAL B 158 -15.85 -6.34 2.78
N ASP B 159 -15.81 -6.97 1.60
CA ASP B 159 -14.92 -8.14 1.34
C ASP B 159 -13.45 -7.69 1.45
N SER B 160 -12.58 -8.58 1.93
CA SER B 160 -11.17 -8.25 2.16
C SER B 160 -10.45 -7.66 0.95
N GLU B 161 -10.66 -8.23 -0.23
CA GLU B 161 -9.92 -7.82 -1.42
C GLU B 161 -10.34 -6.44 -1.90
N HIS B 162 -11.65 -6.23 -2.03
CA HIS B 162 -12.15 -4.93 -2.50
C HIS B 162 -11.86 -3.83 -1.49
N SER B 163 -11.90 -4.18 -0.20
CA SER B 163 -11.50 -3.25 0.87
C SER B 163 -10.04 -2.85 0.70
N ALA B 164 -9.18 -3.87 0.53
CA ALA B 164 -7.76 -3.64 0.18
C ALA B 164 -7.64 -2.70 -1.01
N LEU B 165 -8.34 -3.00 -2.11
CA LEU B 165 -8.29 -2.17 -3.30
C LEU B 165 -8.72 -0.72 -3.02
N ALA B 166 -9.82 -0.53 -2.27
CA ALA B 166 -10.29 0.82 -1.98
C ALA B 166 -9.24 1.62 -1.19
N GLN B 167 -8.54 0.95 -0.29
CA GLN B 167 -7.47 1.59 0.49
C GLN B 167 -6.27 1.99 -0.39
N CYS B 168 -5.88 1.08 -1.28
CA CYS B 168 -4.68 1.28 -2.13
C CYS B 168 -4.92 2.32 -3.21
N LEU B 169 -6.18 2.49 -3.60
CA LEU B 169 -6.57 3.52 -4.56
C LEU B 169 -6.37 4.93 -4.03
N ARG B 170 -6.20 5.06 -2.72
CA ARG B 170 -5.81 6.35 -2.12
C ARG B 170 -4.41 6.82 -2.54
N GLY B 171 -3.60 5.92 -3.11
CA GLY B 171 -2.23 6.22 -3.50
C GLY B 171 -2.07 7.10 -4.74
N GLY B 172 -3.18 7.40 -5.41
CA GLY B 172 -3.15 8.29 -6.56
C GLY B 172 -4.52 8.69 -7.06
N THR B 173 -4.57 9.63 -7.98
CA THR B 173 -5.83 10.04 -8.63
C THR B 173 -6.26 8.96 -9.65
N PRO B 174 -7.54 8.96 -10.08
CA PRO B 174 -8.00 7.92 -11.02
C PRO B 174 -7.19 7.79 -12.31
N ASP B 175 -6.73 8.90 -12.88
CA ASP B 175 -5.96 8.87 -14.13
C ASP B 175 -4.58 8.21 -13.99
N GLU B 176 -4.17 7.95 -12.74
CA GLU B 176 -2.85 7.37 -12.45
C GLU B 176 -2.88 5.85 -12.23
N VAL B 177 -4.07 5.25 -12.27
CA VAL B 177 -4.24 3.83 -12.02
C VAL B 177 -3.91 3.02 -13.26
N ALA B 178 -2.89 2.18 -13.20
CA ALA B 178 -2.53 1.33 -14.33
C ALA B 178 -3.24 -0.01 -14.25
N LYS B 179 -3.26 -0.61 -13.06
CA LYS B 179 -3.71 -1.98 -12.86
C LYS B 179 -4.28 -2.15 -11.46
N LEU B 180 -5.36 -2.93 -11.35
CA LEU B 180 -5.81 -3.44 -10.08
C LEU B 180 -5.42 -4.91 -9.99
N VAL B 181 -4.80 -5.29 -8.88
CA VAL B 181 -4.33 -6.66 -8.74
C VAL B 181 -4.99 -7.32 -7.53
N LEU B 182 -5.89 -8.26 -7.79
CA LEU B 182 -6.48 -9.06 -6.73
C LEU B 182 -5.62 -10.26 -6.42
N THR B 183 -5.48 -10.53 -5.14
CA THR B 183 -4.72 -11.69 -4.73
C THR B 183 -5.69 -12.82 -4.49
N ALA B 184 -5.18 -14.04 -4.59
CA ALA B 184 -6.02 -15.22 -4.47
C ALA B 184 -5.17 -16.29 -3.82
N SER B 185 -5.77 -17.09 -2.94
CA SER B 185 -5.01 -18.17 -2.32
C SER B 185 -4.67 -19.24 -3.35
N GLY B 186 -5.51 -19.34 -4.38
CA GLY B 186 -5.38 -20.38 -5.39
C GLY B 186 -6.24 -21.60 -5.08
N GLY B 187 -6.82 -21.62 -3.89
CA GLY B 187 -7.61 -22.74 -3.44
C GLY B 187 -6.82 -24.04 -3.26
N PRO B 188 -7.52 -25.15 -2.96
CA PRO B 188 -6.87 -26.43 -2.69
C PRO B 188 -6.23 -27.08 -3.92
N PHE B 189 -6.60 -26.63 -5.12
CA PHE B 189 -6.03 -27.23 -6.33
C PHE B 189 -4.97 -26.36 -6.97
N ARG B 190 -4.46 -25.41 -6.20
CA ARG B 190 -3.31 -24.62 -6.60
C ARG B 190 -2.20 -25.56 -7.03
N GLY B 191 -1.67 -25.35 -8.22
CA GLY B 191 -0.58 -26.17 -8.75
C GLY B 191 -0.95 -27.49 -9.39
N TRP B 192 -2.25 -27.75 -9.60
CA TRP B 192 -2.69 -29.00 -10.20
C TRP B 192 -2.86 -28.90 -11.71
N SER B 193 -2.66 -30.03 -12.40
CA SER B 193 -2.88 -30.09 -13.84
C SER B 193 -4.37 -30.28 -14.15
N ALA B 194 -4.75 -30.04 -15.40
CA ALA B 194 -6.09 -30.38 -15.87
C ALA B 194 -6.38 -31.86 -15.62
N ALA B 195 -5.45 -32.72 -16.02
CA ALA B 195 -5.59 -34.16 -15.80
C ALA B 195 -5.77 -34.53 -14.32
N ASP B 196 -5.04 -33.87 -13.42
CA ASP B 196 -5.24 -34.05 -11.97
C ASP B 196 -6.68 -33.76 -11.53
N LEU B 197 -7.29 -32.76 -12.16
CA LEU B 197 -8.61 -32.26 -11.76
C LEU B 197 -9.80 -33.03 -12.37
N GLU B 198 -9.54 -33.76 -13.45
CA GLU B 198 -10.56 -34.54 -14.16
C GLU B 198 -11.53 -35.29 -13.23
N HIS B 199 -10.99 -35.96 -12.21
CA HIS B 199 -11.81 -36.84 -11.37
C HIS B 199 -11.89 -36.48 -9.89
N VAL B 200 -11.55 -35.24 -9.53
CA VAL B 200 -11.64 -34.85 -8.11
C VAL B 200 -13.10 -34.89 -7.62
N THR B 201 -13.26 -35.12 -6.32
CA THR B 201 -14.57 -35.16 -5.69
C THR B 201 -14.81 -33.83 -4.99
N PRO B 202 -16.09 -33.50 -4.71
CA PRO B 202 -16.43 -32.31 -3.92
C PRO B 202 -15.72 -32.29 -2.57
N GLU B 203 -15.55 -33.47 -1.98
CA GLU B 203 -14.89 -33.59 -0.68
C GLU B 203 -13.40 -33.26 -0.76
N GLN B 204 -12.76 -33.57 -1.88
CA GLN B 204 -11.38 -33.16 -2.17
C GLN B 204 -11.24 -31.65 -2.34
N ALA B 205 -12.32 -31.00 -2.81
CA ALA B 205 -12.36 -29.53 -2.91
C ALA B 205 -12.54 -28.87 -1.53
N GLY B 206 -12.78 -29.70 -0.52
CA GLY B 206 -13.03 -29.20 0.83
C GLY B 206 -14.50 -28.88 1.00
N ALA B 207 -15.31 -29.26 0.02
CA ALA B 207 -16.74 -28.97 0.01
C ALA B 207 -17.56 -30.16 0.53
N HIS B 208 -18.06 -30.03 1.75
CA HIS B 208 -18.88 -31.06 2.38
C HIS B 208 -20.29 -30.52 2.58
N PRO B 209 -21.30 -31.40 2.66
CA PRO B 209 -22.69 -30.92 2.77
C PRO B 209 -22.91 -29.98 3.96
N THR B 210 -23.94 -29.13 3.82
CA THR B 210 -24.48 -28.21 4.83
C THR B 210 -25.51 -27.37 4.08
N TRP B 211 -26.71 -27.22 4.65
CA TRP B 211 -27.75 -26.39 4.02
C TRP B 211 -27.43 -24.90 4.23
N SER B 212 -26.39 -24.43 3.55
CA SER B 212 -25.96 -23.04 3.58
C SER B 212 -25.13 -22.79 2.32
N MET B 213 -24.61 -21.57 2.16
CA MET B 213 -23.76 -21.26 1.02
C MET B 213 -22.29 -21.60 1.31
N GLY B 214 -22.03 -22.10 2.52
CA GLY B 214 -20.70 -22.57 2.91
C GLY B 214 -20.02 -23.46 1.87
N PRO B 215 -20.63 -24.62 1.55
CA PRO B 215 -20.06 -25.55 0.56
C PRO B 215 -19.91 -24.93 -0.84
N MET B 216 -20.90 -24.14 -1.28
CA MET B 216 -20.81 -23.35 -2.52
C MET B 216 -19.59 -22.42 -2.50
N ASN B 217 -19.45 -21.67 -1.41
CA ASN B 217 -18.33 -20.75 -1.24
C ASN B 217 -16.97 -21.42 -1.31
N THR B 218 -16.83 -22.56 -0.63
CA THR B 218 -15.57 -23.31 -0.67
C THR B 218 -15.32 -23.92 -2.06
N LEU B 219 -16.38 -24.40 -2.71
CA LEU B 219 -16.30 -24.87 -4.09
C LEU B 219 -15.85 -23.76 -5.07
N ASN B 220 -16.46 -22.58 -4.96
CA ASN B 220 -16.08 -21.41 -5.77
C ASN B 220 -14.61 -21.03 -5.60
N SER B 221 -14.10 -21.24 -4.39
CA SER B 221 -12.68 -21.00 -4.10
C SER B 221 -11.79 -22.02 -4.82
N ALA B 222 -12.26 -23.27 -4.91
CA ALA B 222 -11.54 -24.33 -5.61
C ALA B 222 -11.60 -24.16 -7.13
N SER B 223 -12.78 -23.71 -7.60
CA SER B 223 -13.08 -23.41 -9.00
C SER B 223 -12.37 -22.20 -9.58
N LEU B 224 -12.00 -21.28 -8.68
CA LEU B 224 -11.60 -19.92 -9.05
C LEU B 224 -12.78 -19.05 -9.52
N VAL B 225 -13.99 -19.62 -9.53
CA VAL B 225 -15.19 -18.83 -9.78
C VAL B 225 -15.29 -17.70 -8.72
N ASN B 226 -14.85 -17.97 -7.50
CA ASN B 226 -14.82 -16.92 -6.46
C ASN B 226 -14.08 -15.68 -6.97
N LYS B 227 -12.92 -15.89 -7.57
CA LYS B 227 -12.10 -14.80 -8.11
C LYS B 227 -12.71 -14.15 -9.35
N GLY B 228 -13.37 -14.97 -10.18
CA GLY B 228 -14.15 -14.47 -11.31
C GLY B 228 -15.20 -13.47 -10.86
N LEU B 229 -15.97 -13.84 -9.83
CA LEU B 229 -16.97 -12.94 -9.28
C LEU B 229 -16.33 -11.67 -8.69
N GLU B 230 -15.19 -11.83 -8.03
CA GLU B 230 -14.52 -10.69 -7.43
C GLU B 230 -13.96 -9.73 -8.48
N VAL B 231 -13.53 -10.27 -9.62
CA VAL B 231 -13.12 -9.45 -10.76
C VAL B 231 -14.30 -8.63 -11.31
N ILE B 232 -15.46 -9.29 -11.49
CA ILE B 232 -16.69 -8.57 -11.87
C ILE B 232 -17.03 -7.45 -10.88
N GLU B 233 -17.06 -7.78 -9.58
CA GLU B 233 -17.34 -6.79 -8.56
C GLU B 233 -16.35 -5.61 -8.59
N THR B 234 -15.07 -5.94 -8.80
CA THR B 234 -14.02 -4.93 -8.91
C THR B 234 -14.29 -3.93 -10.05
N HIS B 235 -14.62 -4.43 -11.23
CA HIS B 235 -14.94 -3.58 -12.37
C HIS B 235 -16.05 -2.59 -12.04
N LEU B 236 -17.11 -3.11 -11.42
CA LEU B 236 -18.31 -2.35 -11.12
C LEU B 236 -18.10 -1.37 -9.97
N LEU B 237 -17.32 -1.78 -8.97
CA LEU B 237 -17.04 -0.93 -7.80
C LEU B 237 -16.14 0.23 -8.16
N PHE B 238 -15.13 -0.03 -9.00
CA PHE B 238 -14.07 0.92 -9.20
C PHE B 238 -13.98 1.50 -10.61
N GLY B 239 -14.81 1.01 -11.54
CA GLY B 239 -14.84 1.54 -12.91
C GLY B 239 -13.54 1.33 -13.67
N ILE B 240 -12.87 0.21 -13.41
CA ILE B 240 -11.63 -0.12 -14.12
C ILE B 240 -11.91 -1.22 -15.14
N PRO B 241 -11.42 -1.02 -16.40
CA PRO B 241 -11.67 -2.04 -17.43
C PRO B 241 -11.18 -3.42 -17.04
N TYR B 242 -11.87 -4.44 -17.57
CA TYR B 242 -11.53 -5.83 -17.28
C TYR B 242 -10.12 -6.22 -17.68
N ASP B 243 -9.59 -5.61 -18.75
CA ASP B 243 -8.21 -5.91 -19.17
C ASP B 243 -7.15 -5.29 -18.23
N ARG B 244 -7.58 -4.48 -17.27
CA ARG B 244 -6.66 -3.91 -16.27
C ARG B 244 -6.94 -4.39 -14.84
N ILE B 245 -7.68 -5.50 -14.73
CA ILE B 245 -7.92 -6.18 -13.46
C ILE B 245 -7.27 -7.55 -13.52
N ASP B 246 -6.15 -7.70 -12.81
CA ASP B 246 -5.41 -8.97 -12.77
C ASP B 246 -5.67 -9.73 -11.49
N VAL B 247 -5.41 -11.04 -11.54
CA VAL B 247 -5.47 -11.89 -10.34
C VAL B 247 -4.07 -12.49 -10.16
N VAL B 248 -3.53 -12.43 -8.95
CA VAL B 248 -2.25 -13.09 -8.65
C VAL B 248 -2.46 -14.09 -7.50
N VAL B 249 -1.83 -15.25 -7.58
CA VAL B 249 -1.94 -16.19 -6.47
C VAL B 249 -0.91 -15.83 -5.38
N HIS B 250 -1.41 -15.81 -4.14
CA HIS B 250 -0.65 -15.41 -2.96
C HIS B 250 -1.12 -16.31 -1.83
N PRO B 251 -0.40 -17.43 -1.59
CA PRO B 251 -0.87 -18.50 -0.70
C PRO B 251 -1.09 -18.05 0.75
N GLN B 252 -0.35 -17.05 1.22
CA GLN B 252 -0.43 -16.62 2.62
C GLN B 252 -1.69 -15.80 2.92
N SER B 253 -2.27 -15.15 1.90
CA SER B 253 -3.43 -14.27 2.10
C SER B 253 -3.16 -13.16 3.13
N ILE B 254 -1.95 -12.60 3.11
CA ILE B 254 -1.61 -11.49 3.98
C ILE B 254 -1.78 -10.16 3.26
N ILE B 255 -1.23 -10.06 2.06
CA ILE B 255 -1.59 -8.98 1.15
C ILE B 255 -2.97 -9.34 0.55
N HIS B 256 -3.96 -8.45 0.75
CA HIS B 256 -5.33 -8.75 0.33
C HIS B 256 -5.73 -8.20 -1.05
N SER B 257 -4.90 -7.31 -1.58
CA SER B 257 -4.91 -6.85 -2.98
C SER B 257 -3.98 -5.66 -3.10
N MET B 258 -3.75 -5.20 -4.34
CA MET B 258 -2.79 -4.14 -4.62
C MET B 258 -3.23 -3.31 -5.82
N VAL B 259 -2.73 -2.08 -5.91
CA VAL B 259 -2.96 -1.22 -7.06
C VAL B 259 -1.61 -0.81 -7.65
N THR B 260 -1.46 -0.95 -8.96
CA THR B 260 -0.25 -0.47 -9.63
C THR B 260 -0.58 0.79 -10.39
N PHE B 261 0.25 1.81 -10.17
CA PHE B 261 0.05 3.12 -10.75
C PHE B 261 0.95 3.31 -11.98
N ILE B 262 0.65 4.33 -12.78
CA ILE B 262 1.27 4.55 -14.10
C ILE B 262 2.78 4.83 -14.07
N ASP B 263 3.28 5.19 -12.88
CA ASP B 263 4.70 5.49 -12.70
C ASP B 263 5.54 4.26 -12.36
N GLY B 264 4.85 3.15 -12.11
CA GLY B 264 5.52 1.91 -11.72
C GLY B 264 5.33 1.53 -10.26
N SER B 265 4.77 2.44 -9.47
CA SER B 265 4.60 2.17 -8.05
C SER B 265 3.40 1.29 -7.75
N THR B 266 3.60 0.29 -6.90
CA THR B 266 2.50 -0.54 -6.46
C THR B 266 2.26 -0.24 -4.98
N ILE B 267 1.00 -0.03 -4.63
CA ILE B 267 0.59 0.12 -3.24
C ILE B 267 -0.23 -1.12 -2.88
N ALA B 268 0.10 -1.73 -1.74
CA ALA B 268 -0.54 -2.95 -1.28
C ALA B 268 -1.10 -2.80 0.13
N GLN B 269 -2.19 -3.51 0.43
CA GLN B 269 -2.73 -3.56 1.79
C GLN B 269 -2.50 -4.95 2.38
N ALA B 270 -1.99 -5.00 3.62
CA ALA B 270 -1.64 -6.26 4.24
C ALA B 270 -2.13 -6.33 5.66
N SER B 271 -2.66 -7.47 6.06
CA SER B 271 -3.06 -7.73 7.45
C SER B 271 -3.28 -9.22 7.68
N PRO B 272 -3.08 -9.70 8.91
CA PRO B 272 -3.48 -11.09 9.21
C PRO B 272 -4.97 -11.23 8.89
N PRO B 273 -5.42 -12.40 8.38
CA PRO B 273 -6.84 -12.54 8.05
C PRO B 273 -7.73 -12.25 9.28
N ASP B 274 -8.68 -11.33 9.10
CA ASP B 274 -9.64 -10.94 10.15
C ASP B 274 -10.62 -10.00 9.50
N MET B 275 -11.86 -10.47 9.32
CA MET B 275 -12.90 -9.69 8.64
C MET B 275 -13.34 -8.43 9.39
N LYS B 276 -13.04 -8.34 10.67
CA LYS B 276 -13.37 -7.14 11.43
C LYS B 276 -12.66 -5.89 10.93
N LEU B 277 -11.52 -6.07 10.25
CA LEU B 277 -10.81 -4.93 9.69
C LEU B 277 -11.59 -4.29 8.55
N PRO B 278 -11.80 -5.01 7.42
CA PRO B 278 -12.59 -4.40 6.36
C PRO B 278 -14.02 -4.03 6.77
N ILE B 279 -14.63 -4.80 7.68
CA ILE B 279 -15.96 -4.44 8.19
C ILE B 279 -15.92 -3.09 8.91
N SER B 280 -15.00 -2.94 9.86
CA SER B 280 -14.85 -1.67 10.58
C SER B 280 -14.69 -0.48 9.64
N LEU B 281 -13.86 -0.65 8.62
CA LEU B 281 -13.58 0.42 7.66
C LEU B 281 -14.80 0.79 6.82
N ALA B 282 -15.54 -0.23 6.37
CA ALA B 282 -16.74 0.02 5.59
C ALA B 282 -17.77 0.78 6.43
N LEU B 283 -17.87 0.42 7.70
CA LEU B 283 -18.79 1.10 8.63
C LEU B 283 -18.37 2.55 8.90
N GLY B 284 -17.08 2.75 9.14
CA GLY B 284 -16.56 4.05 9.52
C GLY B 284 -16.12 4.93 8.36
N TRP B 285 -16.16 4.41 7.13
CA TRP B 285 -15.63 5.11 5.94
C TRP B 285 -16.00 6.60 5.88
N PRO B 286 -15.02 7.48 5.62
CA PRO B 286 -13.60 7.23 5.34
C PRO B 286 -12.70 7.05 6.57
N ARG B 287 -13.27 7.13 7.78
CA ARG B 287 -12.44 7.04 9.00
C ARG B 287 -12.14 5.61 9.44
N ARG B 288 -10.90 5.35 9.85
CA ARG B 288 -10.53 4.03 10.35
C ARG B 288 -10.93 3.84 11.82
N VAL B 289 -11.07 2.58 12.24
CA VAL B 289 -11.58 2.26 13.57
C VAL B 289 -10.47 1.69 14.44
N SER B 290 -10.04 2.46 15.44
CA SER B 290 -8.93 2.05 16.31
C SER B 290 -9.12 0.67 16.90
N GLY B 291 -8.08 -0.16 16.78
CA GLY B 291 -8.08 -1.48 17.37
C GLY B 291 -9.08 -2.48 16.82
N ALA B 292 -9.51 -2.28 15.57
CA ALA B 292 -10.43 -3.21 14.90
C ALA B 292 -9.85 -4.62 14.78
N ALA B 293 -8.58 -4.69 14.42
CA ALA B 293 -7.92 -5.98 14.17
C ALA B 293 -6.43 -5.86 14.47
N ALA B 294 -5.77 -7.00 14.58
CA ALA B 294 -4.34 -7.05 14.88
C ALA B 294 -3.56 -6.75 13.59
N ALA B 295 -2.43 -6.09 13.72
CA ALA B 295 -1.61 -5.74 12.56
C ALA B 295 -0.60 -6.85 12.32
N CYS B 296 -0.01 -6.85 11.12
CA CYS B 296 1.14 -7.69 10.84
C CYS B 296 2.25 -7.44 11.88
N ASP B 297 2.83 -8.53 12.40
CA ASP B 297 3.94 -8.39 13.33
C ASP B 297 5.26 -8.61 12.58
N PHE B 298 5.95 -7.51 12.29
CA PHE B 298 7.19 -7.56 11.53
C PHE B 298 8.43 -7.85 12.38
N HIS B 299 8.22 -8.45 13.56
CA HIS B 299 9.32 -8.84 14.44
C HIS B 299 9.54 -10.37 14.44
N THR B 300 8.69 -11.07 13.70
CA THR B 300 8.85 -12.50 13.50
C THR B 300 8.97 -12.72 11.99
N ALA B 301 9.93 -13.55 11.58
CA ALA B 301 10.25 -13.73 10.17
C ALA B 301 9.03 -14.26 9.41
N SER B 302 8.85 -13.78 8.18
CA SER B 302 7.78 -14.28 7.32
C SER B 302 8.21 -14.18 5.86
N SER B 303 7.42 -14.79 4.98
CA SER B 303 7.56 -14.49 3.56
C SER B 303 6.22 -14.45 2.87
N TRP B 304 6.12 -13.53 1.91
CA TRP B 304 4.92 -13.36 1.13
C TRP B 304 5.27 -13.80 -0.28
N GLU B 305 4.58 -14.84 -0.75
CA GLU B 305 4.88 -15.43 -2.03
C GLU B 305 3.81 -15.03 -3.05
N PHE B 306 4.27 -14.82 -4.28
CA PHE B 306 3.37 -14.54 -5.40
C PHE B 306 3.74 -15.45 -6.55
N GLU B 307 2.71 -15.95 -7.24
CA GLU B 307 2.91 -16.75 -8.44
C GLU B 307 1.75 -16.49 -9.42
N PRO B 308 2.00 -16.65 -10.74
CA PRO B 308 0.87 -16.43 -11.66
C PRO B 308 -0.25 -17.47 -11.48
N LEU B 309 -1.48 -17.04 -11.73
CA LEU B 309 -2.60 -17.98 -11.85
C LEU B 309 -2.41 -18.75 -13.15
N ASP B 310 -2.63 -20.05 -13.09
CA ASP B 310 -2.61 -20.87 -14.29
C ASP B 310 -3.95 -20.76 -14.99
N THR B 311 -4.03 -19.88 -15.98
CA THR B 311 -5.31 -19.59 -16.63
C THR B 311 -5.75 -20.65 -17.64
N ASP B 312 -4.84 -21.52 -18.05
CA ASP B 312 -5.21 -22.69 -18.85
C ASP B 312 -5.98 -23.67 -17.99
N VAL B 313 -5.53 -23.85 -16.75
CA VAL B 313 -6.14 -24.83 -15.86
C VAL B 313 -7.38 -24.27 -15.18
N PHE B 314 -7.35 -22.96 -14.89
CA PHE B 314 -8.45 -22.29 -14.19
C PHE B 314 -9.06 -21.16 -15.04
N PRO B 315 -9.85 -21.52 -16.08
CA PRO B 315 -10.36 -20.52 -16.99
C PRO B 315 -11.54 -19.72 -16.45
N ALA B 316 -11.99 -20.03 -15.23
CA ALA B 316 -13.16 -19.35 -14.63
C ALA B 316 -13.01 -17.85 -14.55
N VAL B 317 -11.79 -17.38 -14.30
CA VAL B 317 -11.57 -15.95 -14.12
C VAL B 317 -11.67 -15.20 -15.46
N GLU B 318 -11.01 -15.70 -16.51
CA GLU B 318 -11.13 -15.07 -17.81
C GLU B 318 -12.57 -15.15 -18.35
N LEU B 319 -13.27 -16.24 -18.02
CA LEU B 319 -14.65 -16.38 -18.41
C LEU B 319 -15.51 -15.30 -17.75
N ALA B 320 -15.17 -14.92 -16.52
CA ALA B 320 -15.88 -13.85 -15.83
C ALA B 320 -15.64 -12.51 -16.52
N ARG B 321 -14.40 -12.30 -16.97
CA ARG B 321 -14.08 -11.10 -17.74
C ARG B 321 -14.91 -11.07 -19.02
N GLN B 322 -15.04 -12.22 -19.70
CA GLN B 322 -15.81 -12.27 -20.94
C GLN B 322 -17.28 -11.94 -20.70
N ALA B 323 -17.83 -12.46 -19.61
CA ALA B 323 -19.22 -12.18 -19.23
C ALA B 323 -19.36 -10.69 -18.89
N GLY B 324 -18.40 -10.18 -18.11
CA GLY B 324 -18.38 -8.78 -17.72
C GLY B 324 -18.29 -7.83 -18.90
N VAL B 325 -17.43 -8.15 -19.87
CA VAL B 325 -17.26 -7.31 -21.06
C VAL B 325 -18.58 -7.28 -21.86
N ALA B 326 -19.26 -8.42 -21.96
CA ALA B 326 -20.55 -8.45 -22.66
C ALA B 326 -21.57 -7.55 -21.96
N GLY B 327 -21.47 -7.46 -20.63
CA GLY B 327 -22.28 -6.49 -19.86
C GLY B 327 -23.72 -6.89 -19.63
N GLY B 328 -24.50 -5.98 -19.05
CA GLY B 328 -25.92 -6.21 -18.82
C GLY B 328 -26.24 -7.28 -17.80
N CYS B 329 -27.04 -8.25 -18.19
CA CYS B 329 -27.40 -9.36 -17.30
C CYS B 329 -26.48 -10.56 -17.51
N MET B 330 -25.44 -10.37 -18.33
CA MET B 330 -24.51 -11.45 -18.59
C MET B 330 -23.80 -11.95 -17.32
N THR B 331 -23.48 -11.04 -16.40
CA THR B 331 -22.86 -11.50 -15.15
C THR B 331 -23.84 -12.20 -14.22
N ALA B 332 -25.10 -11.77 -14.20
CA ALA B 332 -26.14 -12.56 -13.53
C ALA B 332 -26.18 -13.97 -14.11
N VAL B 333 -26.04 -14.09 -15.43
CA VAL B 333 -26.07 -15.40 -16.11
C VAL B 333 -24.88 -16.27 -15.66
N TYR B 334 -23.68 -15.68 -15.69
CA TYR B 334 -22.47 -16.35 -15.24
C TYR B 334 -22.63 -16.95 -13.84
N ASN B 335 -23.09 -16.13 -12.90
CA ASN B 335 -23.28 -16.56 -11.52
C ASN B 335 -24.38 -17.60 -11.34
N ALA B 336 -25.54 -17.38 -11.99
CA ALA B 336 -26.65 -18.33 -11.89
C ALA B 336 -26.28 -19.68 -12.51
N ALA B 337 -25.58 -19.65 -13.64
CA ALA B 337 -25.13 -20.91 -14.25
C ALA B 337 -24.11 -21.63 -13.36
N ASN B 338 -23.20 -20.86 -12.76
CA ASN B 338 -22.29 -21.44 -11.76
C ASN B 338 -23.02 -22.12 -10.60
N GLU B 339 -24.02 -21.45 -10.02
CA GLU B 339 -24.70 -22.04 -8.87
C GLU B 339 -25.32 -23.40 -9.19
N GLU B 340 -25.92 -23.51 -10.38
CA GLU B 340 -26.52 -24.76 -10.83
C GLU B 340 -25.47 -25.84 -11.09
N ALA B 341 -24.42 -25.49 -11.84
CA ALA B 341 -23.37 -26.45 -12.17
C ALA B 341 -22.62 -26.91 -10.92
N ALA B 342 -22.30 -25.96 -10.05
CA ALA B 342 -21.57 -26.26 -8.80
C ALA B 342 -22.40 -27.17 -7.88
N ALA B 343 -23.70 -26.91 -7.81
CA ALA B 343 -24.62 -27.75 -7.04
C ALA B 343 -24.66 -29.16 -7.62
N ALA B 344 -24.63 -29.28 -8.95
CA ALA B 344 -24.58 -30.58 -9.61
C ALA B 344 -23.30 -31.33 -9.25
N PHE B 345 -22.17 -30.62 -9.26
CA PHE B 345 -20.89 -31.21 -8.86
C PHE B 345 -20.93 -31.70 -7.42
N LEU B 346 -21.45 -30.85 -6.53
CA LEU B 346 -21.64 -31.21 -5.12
C LEU B 346 -22.51 -32.45 -4.96
N ALA B 347 -23.55 -32.57 -5.78
CA ALA B 347 -24.45 -33.73 -5.77
C ALA B 347 -23.87 -35.00 -6.42
N GLY B 348 -22.69 -34.90 -7.01
CA GLY B 348 -22.08 -36.05 -7.66
C GLY B 348 -22.55 -36.31 -9.08
N ARG B 349 -23.18 -35.32 -9.70
CA ARG B 349 -23.78 -35.50 -11.03
C ARG B 349 -22.86 -35.18 -12.21
N ILE B 350 -21.89 -34.28 -12.00
CA ILE B 350 -20.94 -33.87 -13.05
C ILE B 350 -19.52 -33.86 -12.48
N GLY B 351 -18.53 -33.97 -13.36
CA GLY B 351 -17.13 -33.81 -12.97
C GLY B 351 -16.78 -32.35 -12.72
N PHE B 352 -15.68 -32.14 -12.00
CA PHE B 352 -15.16 -30.80 -11.69
C PHE B 352 -15.00 -29.87 -12.91
N PRO B 353 -14.34 -30.33 -14.00
CA PRO B 353 -14.13 -29.46 -15.17
C PRO B 353 -15.42 -28.99 -15.82
N ALA B 354 -16.49 -29.75 -15.64
CA ALA B 354 -17.80 -29.42 -16.22
C ALA B 354 -18.49 -28.20 -15.56
N ILE B 355 -18.07 -27.81 -14.36
CA ILE B 355 -18.62 -26.60 -13.74
C ILE B 355 -18.39 -25.41 -14.67
N VAL B 356 -17.12 -25.13 -14.97
CA VAL B 356 -16.78 -23.99 -15.85
C VAL B 356 -17.17 -24.26 -17.32
N GLY B 357 -17.08 -25.52 -17.74
CA GLY B 357 -17.56 -25.92 -19.08
C GLY B 357 -19.03 -25.61 -19.28
N ILE B 358 -19.84 -25.86 -18.25
CA ILE B 358 -21.26 -25.54 -18.29
C ILE B 358 -21.52 -24.03 -18.32
N ILE B 359 -20.81 -23.27 -17.48
CA ILE B 359 -20.95 -21.80 -17.48
C ILE B 359 -20.67 -21.25 -18.89
N ALA B 360 -19.58 -21.71 -19.48
CA ALA B 360 -19.18 -21.31 -20.83
C ALA B 360 -20.28 -21.63 -21.85
N ASP B 361 -20.82 -22.84 -21.79
CA ASP B 361 -21.92 -23.24 -22.68
C ASP B 361 -23.16 -22.37 -22.51
N VAL B 362 -23.55 -22.10 -21.27
CA VAL B 362 -24.73 -21.27 -21.00
C VAL B 362 -24.52 -19.86 -21.55
N LEU B 363 -23.34 -19.29 -21.28
CA LEU B 363 -22.99 -17.97 -21.78
C LEU B 363 -23.01 -17.87 -23.30
N HIS B 364 -22.51 -18.90 -23.98
CA HIS B 364 -22.47 -18.92 -25.45
C HIS B 364 -23.88 -18.80 -26.04
N ALA B 365 -24.85 -19.27 -25.29
CA ALA B 365 -26.25 -19.30 -25.70
C ALA B 365 -27.01 -18.06 -25.24
N ALA B 366 -26.33 -17.16 -24.52
CA ALA B 366 -27.01 -16.11 -23.74
C ALA B 366 -27.02 -14.70 -24.33
N ASP B 367 -26.89 -14.58 -25.64
CA ASP B 367 -26.86 -13.27 -26.31
C ASP B 367 -27.99 -12.31 -25.96
N GLN B 368 -29.19 -12.82 -25.75
CA GLN B 368 -30.35 -12.00 -25.39
C GLN B 368 -30.19 -11.28 -24.04
N TRP B 369 -29.24 -11.71 -23.23
CA TRP B 369 -29.08 -11.18 -21.87
C TRP B 369 -27.94 -10.17 -21.70
N ALA B 370 -27.35 -9.75 -22.81
CA ALA B 370 -26.36 -8.67 -22.75
C ALA B 370 -27.05 -7.31 -22.52
N VAL B 371 -28.36 -7.23 -22.77
CA VAL B 371 -29.10 -5.98 -22.52
C VAL B 371 -29.00 -5.59 -21.06
N GLU B 372 -28.91 -4.30 -20.81
CA GLU B 372 -28.95 -3.81 -19.43
C GLU B 372 -30.30 -4.17 -18.81
N PRO B 373 -30.31 -4.51 -17.50
CA PRO B 373 -31.63 -4.75 -16.90
C PRO B 373 -32.39 -3.44 -16.66
N ALA B 374 -33.66 -3.38 -17.08
CA ALA B 374 -34.45 -2.19 -16.80
C ALA B 374 -34.92 -2.19 -15.35
N THR B 375 -35.28 -3.37 -14.85
CA THR B 375 -35.84 -3.51 -13.52
C THR B 375 -35.25 -4.74 -12.86
N VAL B 376 -35.57 -4.93 -11.58
CA VAL B 376 -35.23 -6.16 -10.86
C VAL B 376 -35.73 -7.41 -11.59
N ASP B 377 -36.93 -7.32 -12.16
CA ASP B 377 -37.54 -8.46 -12.86
C ASP B 377 -36.71 -8.99 -14.04
N ASP B 378 -36.03 -8.10 -14.76
CA ASP B 378 -35.14 -8.50 -15.86
C ASP B 378 -33.93 -9.28 -15.36
N VAL B 379 -33.38 -8.87 -14.23
CA VAL B 379 -32.33 -9.65 -13.55
C VAL B 379 -32.85 -11.05 -13.17
N LEU B 380 -34.00 -11.09 -12.48
CA LEU B 380 -34.65 -12.36 -12.15
C LEU B 380 -34.94 -13.25 -13.38
N ASP B 381 -35.42 -12.64 -14.47
CA ASP B 381 -35.63 -13.41 -15.71
C ASP B 381 -34.32 -14.01 -16.26
N ALA B 382 -33.25 -13.21 -16.28
CA ALA B 382 -31.94 -13.68 -16.74
C ALA B 382 -31.45 -14.87 -15.91
N GLN B 383 -31.66 -14.77 -14.61
CA GLN B 383 -31.20 -15.79 -13.68
C GLN B 383 -31.99 -17.10 -13.89
N ARG B 384 -33.32 -17.01 -13.98
CA ARG B 384 -34.18 -18.17 -14.25
C ARG B 384 -33.78 -18.86 -15.57
N TRP B 385 -33.60 -18.07 -16.62
CA TRP B 385 -33.16 -18.59 -17.91
C TRP B 385 -31.84 -19.37 -17.77
N ALA B 386 -30.88 -18.77 -17.07
CA ALA B 386 -29.55 -19.32 -16.89
C ALA B 386 -29.60 -20.65 -16.14
N ARG B 387 -30.38 -20.70 -15.04
CA ARG B 387 -30.57 -21.92 -14.29
C ARG B 387 -31.15 -23.03 -15.15
N GLU B 388 -32.24 -22.72 -15.86
CA GLU B 388 -32.89 -23.68 -16.73
C GLU B 388 -31.89 -24.23 -17.75
N ARG B 389 -31.20 -23.31 -18.41
CA ARG B 389 -30.13 -23.62 -19.35
C ARG B 389 -29.02 -24.50 -18.73
N ALA B 390 -28.55 -24.16 -17.54
CA ALA B 390 -27.56 -24.97 -16.83
C ALA B 390 -28.10 -26.35 -16.41
N GLN B 391 -29.34 -26.38 -15.93
CA GLN B 391 -30.01 -27.65 -15.58
C GLN B 391 -30.07 -28.63 -16.76
N ARG B 392 -30.29 -28.09 -17.96
CA ARG B 392 -30.25 -28.88 -19.20
C ARG B 392 -28.87 -29.47 -19.48
N ALA B 393 -27.85 -28.61 -19.54
CA ALA B 393 -26.47 -29.05 -19.71
C ALA B 393 -26.11 -30.17 -18.72
N VAL B 394 -26.40 -29.93 -17.44
CA VAL B 394 -26.15 -30.91 -16.39
C VAL B 394 -26.80 -32.26 -16.73
N SER B 395 -28.06 -32.20 -17.14
CA SER B 395 -28.90 -33.40 -17.28
C SER B 395 -28.43 -34.44 -18.33
N GLY B 396 -27.49 -34.09 -19.20
CA GLY B 396 -26.87 -35.14 -20.00
C GLY B 396 -25.66 -34.85 -20.86
N MET B 397 -24.44 -35.21 -20.45
CA MET B 397 -24.02 -35.62 -19.09
C MET B 397 -24.98 -36.44 -18.25
#